data_6F26
#
_entry.id   6F26
#
_cell.length_a   56.075
_cell.length_b   72.956
_cell.length_c   90.015
_cell.angle_alpha   90.00
_cell.angle_beta   90.15
_cell.angle_gamma   90.00
#
_symmetry.space_group_name_H-M   'P 1 21 1'
#
loop_
_entity.id
_entity.type
_entity.pdbx_description
1 polymer 'Casein kinase I isoform delta'
2 non-polymer 'SULFATE ION'
3 non-polymer (9~{S},10~{S},11~{R})-~{N}-[4-[3-(4-fluorophenyl)-5-propan-2-yl-1,2-oxazol-4-yl]pyridin-2-yl]-4-(4-methoxyphenyl)-10,11-bis(oxidanyl)-1,7-diazatricyclo[7.3.0.0^{3,7}]dodeca-3,5-diene-6-carboxamide
4 water water
#
_entity_poly.entity_id   1
_entity_poly.type   'polypeptide(L)'
_entity_poly.pdbx_seq_one_letter_code
;MGSSHHHHHHSSGLVPRGSHMELRVGNRYRLGRKIGSGSFGDIYLGTDIAAGEEVAIKLECVKTKHPQLHIESKIYKMMQ
GGVGIPTIRWCGAEGDYNVMVMELLGPSLEDLFNFCSRKFSLKTVLLLADQMISRIEYIHSKNFIHRDVKPDNFLMGLGK
KGNLVYIIDFGLAKKYRDARTHQHIPYRENKNLTGTARYASINTHLGIEQSRRDDLESLGYVLMYFNLGSLPWQGLKAAT
KRQKYERISEKKMSTPIEVLCKGYPSEFATYLNFCRSLRFDDKPDYSYLRQLFRNLFHRQGFSYDYVFDWNMLK
;
_entity_poly.pdbx_strand_id   A,B
#
loop_
_chem_comp.id
_chem_comp.type
_chem_comp.name
_chem_comp.formula
C9Z non-polymer (9~{S},10~{S},11~{R})-~{N}-[4-[3-(4-fluorophenyl)-5-propan-2-yl-1,2-oxazol-4-yl]pyridin-2-yl]-4-(4-methoxyphenyl)-10,11-bis(oxidanyl)-1,7-diazatricyclo[7.3.0.0^{3,7}]dodeca-3,5-diene-6-carboxamide 'C35 H34 F N5 O5'
SO4 non-polymer 'SULFATE ION' 'O4 S -2'
#
# COMPACT_ATOMS: atom_id res chain seq x y z
N LEU A 23 -6.17 -51.02 5.49
CA LEU A 23 -6.66 -49.92 6.31
C LEU A 23 -7.60 -49.03 5.50
N ARG A 24 -8.83 -48.90 5.99
CA ARG A 24 -9.87 -48.15 5.29
C ARG A 24 -10.62 -47.28 6.29
N VAL A 25 -10.93 -46.05 5.90
CA VAL A 25 -11.63 -45.10 6.75
C VAL A 25 -12.91 -44.66 6.05
N GLY A 26 -13.97 -44.51 6.83
CA GLY A 26 -15.26 -44.10 6.29
C GLY A 26 -15.86 -45.04 5.27
N ASN A 27 -15.44 -46.31 5.28
CA ASN A 27 -15.93 -47.31 4.34
C ASN A 27 -15.72 -46.89 2.89
N ARG A 28 -14.77 -45.99 2.62
CA ARG A 28 -14.67 -45.42 1.28
C ARG A 28 -13.24 -45.08 0.86
N TYR A 29 -12.37 -44.76 1.81
CA TYR A 29 -11.03 -44.29 1.50
C TYR A 29 -10.00 -45.31 1.96
N ARG A 30 -9.10 -45.67 1.05
CA ARG A 30 -7.99 -46.57 1.38
C ARG A 30 -6.82 -45.75 1.88
N LEU A 31 -6.30 -46.11 3.05
CA LEU A 31 -5.20 -45.38 3.65
C LEU A 31 -3.90 -45.78 2.98
N GLY A 32 -3.11 -44.79 2.60
CA GLY A 32 -1.83 -45.04 1.95
C GLY A 32 -0.65 -44.68 2.84
N ARG A 33 0.46 -44.30 2.23
CA ARG A 33 1.68 -44.03 2.97
C ARG A 33 1.66 -42.62 3.56
N LYS A 34 2.46 -42.44 4.60
CA LYS A 34 2.65 -41.14 5.22
C LYS A 34 3.29 -40.17 4.21
N ILE A 35 2.81 -38.94 4.19
CA ILE A 35 3.33 -37.95 3.25
C ILE A 35 3.71 -36.66 3.96
N GLY A 36 3.30 -36.51 5.21
CA GLY A 36 3.61 -35.31 5.97
C GLY A 36 3.22 -35.43 7.43
N ASP A 42 0.32 -36.07 11.53
CA ASP A 42 0.24 -37.37 10.87
C ASP A 42 -0.67 -37.31 9.65
N ILE A 43 -0.10 -37.05 8.48
CA ILE A 43 -0.87 -36.90 7.25
C ILE A 43 -0.51 -38.06 6.32
N TYR A 44 -1.54 -38.70 5.77
CA TYR A 44 -1.38 -39.87 4.92
C TYR A 44 -1.98 -39.61 3.56
N LEU A 45 -1.34 -40.16 2.53
CA LEU A 45 -1.98 -40.23 1.23
C LEU A 45 -3.08 -41.28 1.27
N GLY A 46 -4.17 -41.00 0.55
CA GLY A 46 -5.30 -41.92 0.52
C GLY A 46 -5.87 -42.02 -0.88
N THR A 47 -6.74 -43.00 -1.07
CA THR A 47 -7.42 -43.21 -2.33
C THR A 47 -8.91 -43.29 -2.09
N ASP A 48 -9.67 -42.42 -2.75
CA ASP A 48 -11.12 -42.52 -2.80
C ASP A 48 -11.46 -43.68 -3.73
N ILE A 49 -11.86 -44.82 -3.14
CA ILE A 49 -11.96 -46.05 -3.91
C ILE A 49 -13.03 -45.94 -4.99
N ALA A 50 -14.16 -45.30 -4.67
CA ALA A 50 -15.25 -45.22 -5.65
C ALA A 50 -14.90 -44.27 -6.79
N ALA A 51 -14.38 -43.08 -6.45
CA ALA A 51 -14.07 -42.07 -7.46
C ALA A 51 -12.72 -42.30 -8.12
N GLY A 52 -11.81 -43.01 -7.47
CA GLY A 52 -10.50 -43.28 -8.04
C GLY A 52 -9.46 -42.21 -7.83
N GLU A 53 -9.80 -41.11 -7.15
CA GLU A 53 -8.90 -39.98 -6.95
C GLU A 53 -8.17 -40.10 -5.62
N GLU A 54 -6.98 -39.52 -5.57
CA GLU A 54 -6.20 -39.52 -4.33
C GLU A 54 -6.61 -38.35 -3.45
N VAL A 55 -6.46 -38.56 -2.13
CA VAL A 55 -6.84 -37.58 -1.12
C VAL A 55 -5.76 -37.53 -0.04
N ALA A 56 -5.87 -36.55 0.85
CA ALA A 56 -5.04 -36.46 2.04
C ALA A 56 -5.88 -36.76 3.28
N ILE A 57 -5.34 -37.56 4.18
CA ILE A 57 -6.06 -38.03 5.36
C ILE A 57 -5.31 -37.61 6.62
N LYS A 58 -6.01 -36.92 7.52
CA LYS A 58 -5.49 -36.52 8.82
C LYS A 58 -6.14 -37.36 9.91
N LEU A 59 -5.34 -37.87 10.84
CA LEU A 59 -5.81 -38.73 11.92
C LEU A 59 -5.56 -38.07 13.28
N GLU A 60 -6.59 -38.03 14.12
CA GLU A 60 -6.49 -37.53 15.49
C GLU A 60 -6.91 -38.66 16.43
N CYS A 61 -6.00 -39.05 17.33
CA CYS A 61 -6.29 -40.10 18.30
C CYS A 61 -7.35 -39.67 19.31
N VAL A 62 -8.37 -40.50 19.48
CA VAL A 62 -9.39 -40.26 20.51
C VAL A 62 -8.72 -40.17 21.88
N LEU A 69 -10.26 -31.52 16.15
CA LEU A 69 -10.48 -31.83 14.74
C LEU A 69 -11.93 -31.57 14.33
N HIS A 70 -12.86 -31.83 15.25
CA HIS A 70 -14.26 -31.55 14.97
C HIS A 70 -14.49 -30.05 14.81
N ILE A 71 -13.94 -29.26 15.74
CA ILE A 71 -14.04 -27.81 15.65
C ILE A 71 -13.46 -27.32 14.32
N GLU A 72 -12.29 -27.82 13.96
CA GLU A 72 -11.64 -27.35 12.74
C GLU A 72 -12.47 -27.67 11.51
N SER A 73 -13.12 -28.84 11.49
CA SER A 73 -13.94 -29.21 10.34
C SER A 73 -15.06 -28.20 10.12
N LYS A 74 -15.66 -27.69 11.19
CA LYS A 74 -16.75 -26.74 11.05
C LYS A 74 -16.27 -25.41 10.48
N ILE A 75 -15.04 -25.02 10.78
CA ILE A 75 -14.49 -23.79 10.20
C ILE A 75 -14.21 -24.00 8.72
N TYR A 76 -13.57 -25.12 8.36
CA TYR A 76 -13.38 -25.43 6.95
C TYR A 76 -14.69 -25.36 6.20
N LYS A 77 -15.75 -25.95 6.76
CA LYS A 77 -17.06 -25.94 6.10
C LYS A 77 -17.58 -24.52 5.92
N MET A 78 -17.41 -23.66 6.93
CA MET A 78 -17.85 -22.28 6.79
C MET A 78 -17.03 -21.54 5.73
N MET A 79 -15.77 -21.96 5.53
CA MET A 79 -14.91 -21.31 4.55
C MET A 79 -15.10 -21.84 3.14
N GLN A 80 -15.76 -22.99 2.98
CA GLN A 80 -15.82 -23.64 1.67
C GLN A 80 -16.40 -22.69 0.63
N GLY A 81 -15.82 -22.75 -0.57
CA GLY A 81 -16.28 -21.94 -1.68
C GLY A 81 -15.45 -20.70 -1.94
N GLY A 82 -14.33 -20.53 -1.26
CA GLY A 82 -13.44 -19.41 -1.48
C GLY A 82 -12.25 -19.89 -2.28
N VAL A 83 -11.64 -18.98 -3.02
CA VAL A 83 -10.44 -19.31 -3.77
C VAL A 83 -9.35 -19.75 -2.81
N GLY A 84 -8.68 -20.86 -3.13
CA GLY A 84 -7.58 -21.32 -2.31
C GLY A 84 -7.99 -21.91 -0.99
N ILE A 85 -9.26 -22.25 -0.81
CA ILE A 85 -9.74 -22.93 0.39
C ILE A 85 -9.93 -24.41 0.04
N PRO A 86 -9.25 -25.32 0.73
CA PRO A 86 -9.42 -26.74 0.38
C PRO A 86 -10.79 -27.26 0.76
N THR A 87 -11.24 -28.24 0.01
CA THR A 87 -12.52 -28.88 0.27
C THR A 87 -12.31 -30.11 1.13
N ILE A 88 -13.17 -30.26 2.13
CA ILE A 88 -13.16 -31.44 2.99
C ILE A 88 -14.17 -32.43 2.43
N ARG A 89 -13.72 -33.65 2.19
CA ARG A 89 -14.59 -34.67 1.61
C ARG A 89 -15.27 -35.53 2.66
N TRP A 90 -14.68 -35.66 3.85
CA TRP A 90 -15.27 -36.54 4.85
C TRP A 90 -14.63 -36.26 6.21
N CYS A 91 -15.41 -36.47 7.26
N CYS A 91 -15.41 -36.49 7.26
CA CYS A 91 -14.88 -36.41 8.62
CA CYS A 91 -14.93 -36.36 8.64
C CYS A 91 -15.79 -37.24 9.52
C CYS A 91 -15.80 -37.26 9.51
N GLY A 92 -15.17 -38.04 10.37
CA GLY A 92 -15.92 -38.96 11.18
C GLY A 92 -15.04 -39.66 12.19
N ALA A 93 -15.50 -40.84 12.62
CA ALA A 93 -14.82 -41.63 13.64
C ALA A 93 -14.39 -42.95 13.04
N GLU A 94 -13.15 -43.36 13.32
CA GLU A 94 -12.60 -44.63 12.85
C GLU A 94 -11.76 -45.24 13.96
N GLY A 95 -12.36 -46.18 14.70
CA GLY A 95 -11.65 -46.83 15.79
C GLY A 95 -11.37 -45.88 16.93
N ASP A 96 -10.08 -45.74 17.28
CA ASP A 96 -9.63 -44.78 18.28
C ASP A 96 -9.08 -43.51 17.63
N TYR A 97 -9.54 -43.19 16.42
CA TYR A 97 -9.06 -42.03 15.67
C TYR A 97 -10.23 -41.21 15.15
N ASN A 98 -10.11 -39.90 15.28
CA ASN A 98 -10.94 -38.97 14.51
C ASN A 98 -10.25 -38.71 13.19
N VAL A 99 -11.03 -38.72 12.11
CA VAL A 99 -10.49 -38.71 10.76
C VAL A 99 -11.05 -37.52 10.00
N MET A 100 -10.19 -36.86 9.23
CA MET A 100 -10.59 -35.86 8.27
C MET A 100 -9.93 -36.18 6.94
N VAL A 101 -10.70 -36.05 5.86
CA VAL A 101 -10.23 -36.33 4.51
C VAL A 101 -10.35 -35.06 3.69
N MET A 102 -9.25 -34.65 3.06
CA MET A 102 -9.18 -33.42 2.29
C MET A 102 -8.75 -33.73 0.86
N GLU A 103 -9.16 -32.88 -0.07
CA GLU A 103 -8.62 -32.97 -1.42
C GLU A 103 -7.10 -32.88 -1.36
N LEU A 104 -6.43 -33.62 -2.24
CA LEU A 104 -4.98 -33.68 -2.20
C LEU A 104 -4.39 -32.38 -2.73
N LEU A 105 -3.56 -31.74 -1.92
CA LEU A 105 -2.78 -30.56 -2.31
C LEU A 105 -1.32 -30.96 -2.41
N GLY A 106 -0.47 -29.99 -2.70
CA GLY A 106 0.94 -30.25 -2.95
C GLY A 106 1.83 -29.85 -1.80
N PRO A 107 3.11 -29.65 -2.09
CA PRO A 107 4.05 -29.23 -1.05
C PRO A 107 3.72 -27.84 -0.49
N SER A 108 4.17 -27.60 0.73
CA SER A 108 4.01 -26.30 1.36
C SER A 108 5.05 -25.31 0.81
N LEU A 109 4.83 -24.03 1.11
CA LEU A 109 5.79 -23.02 0.69
C LEU A 109 7.12 -23.16 1.40
N GLU A 110 7.13 -23.70 2.63
CA GLU A 110 8.41 -24.02 3.27
C GLU A 110 9.13 -25.12 2.51
N ASP A 111 8.39 -26.17 2.10
CA ASP A 111 8.99 -27.24 1.31
C ASP A 111 9.60 -26.70 0.02
N LEU A 112 8.85 -25.85 -0.67
CA LEU A 112 9.32 -25.30 -1.94
C LEU A 112 10.48 -24.32 -1.74
N PHE A 113 10.46 -23.57 -0.64
CA PHE A 113 11.58 -22.69 -0.30
C PHE A 113 12.87 -23.49 -0.18
N ASN A 114 12.84 -24.58 0.59
CA ASN A 114 14.02 -25.45 0.70
C ASN A 114 14.39 -26.04 -0.65
N PHE A 115 13.39 -26.45 -1.44
CA PHE A 115 13.67 -26.99 -2.76
C PHE A 115 14.40 -25.96 -3.63
N CYS A 116 14.12 -24.68 -3.43
CA CYS A 116 14.80 -23.61 -4.15
C CYS A 116 16.04 -23.09 -3.43
N SER A 117 16.66 -23.91 -2.59
CA SER A 117 17.89 -23.54 -1.88
C SER A 117 17.68 -22.32 -0.99
N ARG A 118 16.47 -22.18 -0.46
CA ARG A 118 16.11 -21.14 0.49
C ARG A 118 16.36 -19.74 -0.07
N LYS A 119 16.00 -19.57 -1.34
CA LYS A 119 15.97 -18.24 -1.93
C LYS A 119 14.90 -18.22 -3.01
N PHE A 120 14.01 -17.22 -2.95
CA PHE A 120 13.01 -16.98 -3.97
C PHE A 120 13.38 -15.72 -4.73
N SER A 121 13.12 -15.72 -6.03
CA SER A 121 13.26 -14.49 -6.80
C SER A 121 12.22 -13.48 -6.32
N LEU A 122 12.52 -12.19 -6.55
CA LEU A 122 11.57 -11.16 -6.19
C LEU A 122 10.22 -11.39 -6.86
N LYS A 123 10.22 -11.81 -8.12
CA LYS A 123 8.97 -12.04 -8.83
C LYS A 123 8.12 -13.09 -8.12
N THR A 124 8.74 -14.20 -7.71
CA THR A 124 8.00 -15.24 -6.99
C THR A 124 7.45 -14.70 -5.67
N VAL A 125 8.24 -13.91 -4.94
CA VAL A 125 7.77 -13.34 -3.68
C VAL A 125 6.55 -12.46 -3.94
N LEU A 126 6.57 -11.68 -5.01
CA LEU A 126 5.47 -10.76 -5.28
C LEU A 126 4.23 -11.51 -5.76
N LEU A 127 4.40 -12.55 -6.57
CA LEU A 127 3.26 -13.38 -6.96
C LEU A 127 2.64 -14.03 -5.73
N LEU A 128 3.47 -14.57 -4.83
CA LEU A 128 2.95 -15.18 -3.62
C LEU A 128 2.26 -14.14 -2.73
N ALA A 129 2.85 -12.96 -2.59
CA ALA A 129 2.27 -11.93 -1.72
C ALA A 129 0.84 -11.60 -2.13
N ASP A 130 0.60 -11.45 -3.44
CA ASP A 130 -0.74 -11.07 -3.89
C ASP A 130 -1.76 -12.12 -3.49
N GLN A 131 -1.44 -13.39 -3.69
CA GLN A 131 -2.37 -14.46 -3.35
C GLN A 131 -2.54 -14.59 -1.84
N MET A 132 -1.45 -14.50 -1.10
CA MET A 132 -1.51 -14.71 0.35
C MET A 132 -2.32 -13.60 1.03
N ILE A 133 -2.19 -12.36 0.56
CA ILE A 133 -3.01 -11.28 1.11
C ILE A 133 -4.48 -11.57 0.86
N SER A 134 -4.81 -12.08 -0.33
CA SER A 134 -6.20 -12.37 -0.65
C SER A 134 -6.75 -13.52 0.17
N ARG A 135 -5.93 -14.57 0.41
CA ARG A 135 -6.40 -15.68 1.24
C ARG A 135 -6.75 -15.20 2.64
N ILE A 136 -5.87 -14.38 3.24
CA ILE A 136 -6.13 -13.85 4.57
C ILE A 136 -7.37 -12.97 4.55
N GLU A 137 -7.51 -12.12 3.52
CA GLU A 137 -8.71 -11.29 3.43
C GLU A 137 -9.96 -12.15 3.39
N TYR A 138 -9.93 -13.25 2.65
CA TYR A 138 -11.11 -14.11 2.55
C TYR A 138 -11.50 -14.66 3.91
N ILE A 139 -10.52 -15.20 4.64
CA ILE A 139 -10.79 -15.72 5.98
C ILE A 139 -11.41 -14.64 6.85
N HIS A 140 -10.83 -13.43 6.81
CA HIS A 140 -11.37 -12.32 7.60
C HIS A 140 -12.79 -11.97 7.17
N SER A 141 -13.08 -12.04 5.87
CA SER A 141 -14.43 -11.77 5.40
C SER A 141 -15.43 -12.78 5.95
N LYS A 142 -14.97 -13.97 6.31
CA LYS A 142 -15.81 -14.99 6.93
C LYS A 142 -15.71 -14.98 8.45
N ASN A 143 -15.26 -13.86 9.03
CA ASN A 143 -15.41 -13.55 10.44
C ASN A 143 -14.41 -14.27 11.33
N PHE A 144 -13.32 -14.81 10.77
CA PHE A 144 -12.32 -15.51 11.54
C PHE A 144 -10.96 -14.88 11.32
N ILE A 145 -10.10 -15.03 12.33
CA ILE A 145 -8.67 -14.76 12.19
C ILE A 145 -7.94 -16.09 12.27
N HIS A 146 -6.87 -16.22 11.49
CA HIS A 146 -6.19 -17.50 11.34
C HIS A 146 -5.28 -17.80 12.53
N ARG A 147 -4.44 -16.84 12.90
CA ARG A 147 -3.58 -16.83 14.09
C ARG A 147 -2.36 -17.73 13.97
N ASP A 148 -2.10 -18.33 12.82
CA ASP A 148 -0.85 -19.07 12.64
C ASP A 148 -0.40 -18.98 11.19
N VAL A 149 -0.24 -17.75 10.71
CA VAL A 149 0.21 -17.51 9.34
C VAL A 149 1.70 -17.82 9.27
N LYS A 150 2.08 -18.77 8.43
CA LYS A 150 3.47 -19.19 8.27
C LYS A 150 3.59 -19.96 6.98
N PRO A 151 4.81 -20.11 6.45
CA PRO A 151 4.98 -20.79 5.15
C PRO A 151 4.46 -22.22 5.15
N ASP A 152 4.52 -22.92 6.28
CA ASP A 152 4.09 -24.31 6.36
C ASP A 152 2.58 -24.47 6.20
N ASN A 153 1.81 -23.39 6.35
CA ASN A 153 0.36 -23.46 6.26
C ASN A 153 -0.17 -22.93 4.94
N PHE A 154 0.70 -22.69 3.96
CA PHE A 154 0.30 -22.38 2.59
C PHE A 154 0.83 -23.50 1.71
N LEU A 155 -0.08 -24.16 0.98
CA LEU A 155 0.26 -25.28 0.11
C LEU A 155 -0.09 -24.93 -1.33
N MET A 156 0.76 -25.34 -2.27
CA MET A 156 0.42 -25.20 -3.67
C MET A 156 -0.50 -26.34 -4.10
N GLY A 157 -1.38 -26.04 -5.03
CA GLY A 157 -2.18 -27.08 -5.63
C GLY A 157 -1.34 -27.99 -6.51
N LEU A 158 -1.94 -29.12 -6.87
CA LEU A 158 -1.36 -30.06 -7.82
C LEU A 158 -2.10 -29.98 -9.13
N GLY A 159 -1.44 -30.44 -10.20
CA GLY A 159 -2.09 -30.53 -11.50
C GLY A 159 -2.44 -29.18 -12.07
N LYS A 160 -3.69 -29.02 -12.52
CA LYS A 160 -4.14 -27.77 -13.09
C LYS A 160 -4.18 -26.63 -12.07
N LYS A 161 -4.14 -26.96 -10.79
CA LYS A 161 -4.13 -25.97 -9.71
C LYS A 161 -2.73 -25.67 -9.20
N GLY A 162 -1.70 -26.05 -9.97
CA GLY A 162 -0.32 -25.90 -9.50
C GLY A 162 0.11 -24.47 -9.26
N ASN A 163 -0.57 -23.49 -9.85
CA ASN A 163 -0.27 -22.08 -9.61
C ASN A 163 -1.11 -21.44 -8.51
N LEU A 164 -1.95 -22.20 -7.82
CA LEU A 164 -2.87 -21.68 -6.83
C LEU A 164 -2.33 -21.96 -5.43
N VAL A 165 -2.21 -20.91 -4.63
CA VAL A 165 -1.81 -21.01 -3.24
C VAL A 165 -3.06 -21.30 -2.40
N TYR A 166 -3.02 -22.38 -1.62
CA TYR A 166 -4.07 -22.70 -0.67
C TYR A 166 -3.60 -22.37 0.74
N ILE A 167 -4.55 -22.07 1.61
CA ILE A 167 -4.29 -21.88 3.04
C ILE A 167 -4.94 -23.03 3.79
N ILE A 168 -4.24 -23.54 4.80
CA ILE A 168 -4.73 -24.68 5.58
C ILE A 168 -4.56 -24.39 7.06
N ASP A 169 -5.12 -25.29 7.86
CA ASP A 169 -4.92 -25.37 9.30
C ASP A 169 -5.67 -24.26 10.03
N PHE A 170 -6.90 -24.56 10.42
CA PHE A 170 -7.72 -23.65 11.20
C PHE A 170 -7.83 -24.08 12.66
N GLY A 171 -6.90 -24.92 13.12
CA GLY A 171 -6.94 -25.41 14.49
C GLY A 171 -6.75 -24.34 15.54
N LEU A 172 -6.13 -23.21 15.17
CA LEU A 172 -5.96 -22.09 16.09
C LEU A 172 -6.80 -20.88 15.68
N ALA A 173 -7.62 -21.00 14.65
CA ALA A 173 -8.44 -19.89 14.18
C ALA A 173 -9.48 -19.52 15.24
N LYS A 174 -9.95 -18.28 15.16
CA LYS A 174 -10.89 -17.76 16.16
C LYS A 174 -11.82 -16.76 15.50
N LYS A 175 -13.10 -16.84 15.83
CA LYS A 175 -14.05 -15.85 15.35
C LYS A 175 -13.78 -14.52 16.04
N TYR A 176 -13.67 -13.46 15.25
CA TYR A 176 -13.38 -12.13 15.79
C TYR A 176 -14.54 -11.17 15.71
N ARG A 177 -15.61 -11.50 14.99
CA ARG A 177 -16.77 -10.62 14.90
C ARG A 177 -18.03 -11.43 14.64
N ASP A 178 -19.17 -10.83 14.99
CA ASP A 178 -20.46 -11.42 14.68
C ASP A 178 -20.72 -11.33 13.17
N ALA A 179 -21.31 -12.38 12.62
CA ALA A 179 -21.48 -12.45 11.17
C ALA A 179 -22.40 -11.36 10.64
N ARG A 180 -23.48 -11.04 11.37
CA ARG A 180 -24.46 -10.09 10.87
C ARG A 180 -24.18 -8.66 11.31
N THR A 181 -23.86 -8.45 12.60
CA THR A 181 -23.65 -7.11 13.10
C THR A 181 -22.21 -6.65 12.95
N HIS A 182 -21.28 -7.57 12.70
CA HIS A 182 -19.84 -7.28 12.61
C HIS A 182 -19.30 -6.68 13.89
N GLN A 183 -19.97 -6.90 15.01
CA GLN A 183 -19.44 -6.44 16.28
C GLN A 183 -18.22 -7.26 16.66
N HIS A 184 -17.15 -6.57 17.03
N HIS A 184 -17.14 -6.57 17.02
CA HIS A 184 -15.82 -7.14 17.24
CA HIS A 184 -15.85 -7.21 17.21
C HIS A 184 -15.68 -7.69 18.64
C HIS A 184 -15.70 -7.72 18.64
N ILE A 185 -14.85 -8.73 18.80
CA ILE A 185 -14.53 -9.25 20.12
C ILE A 185 -13.72 -8.16 20.83
N PRO A 186 -13.74 -8.09 22.15
CA PRO A 186 -13.09 -6.97 22.85
C PRO A 186 -11.58 -7.14 22.95
N TYR A 187 -10.92 -6.00 23.11
CA TYR A 187 -9.50 -5.97 23.40
C TYR A 187 -9.21 -6.66 24.73
N ARG A 188 -8.21 -7.53 24.74
CA ARG A 188 -7.80 -8.24 25.94
C ARG A 188 -6.29 -8.39 25.95
N GLU A 189 -5.73 -8.49 27.14
CA GLU A 189 -4.31 -8.73 27.32
C GLU A 189 -4.12 -10.04 28.09
N ASN A 190 -2.86 -10.37 28.39
CA ASN A 190 -2.51 -11.57 29.14
C ASN A 190 -2.89 -12.84 28.38
N LYS A 191 -2.79 -12.80 27.06
CA LYS A 191 -3.11 -13.94 26.22
C LYS A 191 -1.86 -14.75 25.95
N ASN A 192 -2.00 -16.08 25.95
CA ASN A 192 -0.90 -16.95 25.59
C ASN A 192 -0.60 -16.86 24.11
N LEU A 193 0.65 -17.13 23.75
CA LEU A 193 1.07 -17.06 22.35
C LEU A 193 0.50 -18.26 21.61
N THR A 194 -0.61 -18.05 20.89
CA THR A 194 -1.20 -19.08 20.04
C THR A 194 -0.70 -18.83 18.61
N GLY A 195 0.27 -19.63 18.19
CA GLY A 195 0.87 -19.51 16.88
C GLY A 195 2.29 -20.03 16.89
N THR A 196 3.08 -19.57 15.92
CA THR A 196 4.49 -19.91 15.81
C THR A 196 5.32 -18.66 16.13
N ALA A 197 6.23 -18.79 17.10
CA ALA A 197 6.93 -17.61 17.60
C ALA A 197 7.67 -16.86 16.49
N ARG A 198 8.28 -17.59 15.54
CA ARG A 198 9.10 -16.93 14.54
C ARG A 198 8.32 -15.88 13.75
N TYR A 199 7.03 -16.12 13.51
CA TYR A 199 6.23 -15.24 12.67
C TYR A 199 5.20 -14.44 13.45
N ALA A 200 5.16 -14.56 14.77
CA ALA A 200 4.16 -13.86 15.56
C ALA A 200 4.37 -12.36 15.52
N SER A 201 3.27 -11.61 15.55
CA SER A 201 3.34 -10.16 15.62
C SER A 201 3.90 -9.73 16.96
N ILE A 202 4.39 -8.49 17.02
CA ILE A 202 4.88 -7.94 18.28
C ILE A 202 3.75 -7.94 19.31
N ASN A 203 2.55 -7.56 18.90
CA ASN A 203 1.44 -7.52 19.84
C ASN A 203 1.11 -8.90 20.38
N THR A 204 1.27 -9.95 19.56
CA THR A 204 1.08 -11.30 20.06
C THR A 204 2.10 -11.64 21.14
N HIS A 205 3.36 -11.27 20.93
CA HIS A 205 4.38 -11.48 21.95
C HIS A 205 4.04 -10.75 23.25
N LEU A 206 3.39 -9.60 23.13
CA LEU A 206 3.03 -8.83 24.32
C LEU A 206 1.78 -9.36 25.01
N GLY A 207 1.17 -10.42 24.50
CA GLY A 207 0.00 -11.00 25.13
C GLY A 207 -1.32 -10.35 24.77
N ILE A 208 -1.35 -9.54 23.71
CA ILE A 208 -2.57 -8.87 23.29
C ILE A 208 -3.40 -9.80 22.42
N GLU A 209 -4.72 -9.76 22.60
CA GLU A 209 -5.63 -10.52 21.75
C GLU A 209 -5.31 -10.28 20.28
N GLN A 210 -5.19 -11.36 19.52
CA GLN A 210 -4.90 -11.25 18.11
C GLN A 210 -6.15 -10.78 17.34
N SER A 211 -5.92 -9.98 16.31
CA SER A 211 -6.98 -9.49 15.46
C SER A 211 -6.47 -9.52 14.02
N ARG A 212 -7.21 -8.86 13.12
CA ARG A 212 -6.87 -8.96 11.70
C ARG A 212 -5.47 -8.43 11.41
N ARG A 213 -5.07 -7.35 12.09
CA ARG A 213 -3.75 -6.78 11.85
C ARG A 213 -2.64 -7.79 12.07
N ASP A 214 -2.83 -8.71 13.01
CA ASP A 214 -1.74 -9.61 13.38
C ASP A 214 -1.51 -10.69 12.32
N ASP A 215 -2.57 -11.22 11.71
CA ASP A 215 -2.41 -12.12 10.57
C ASP A 215 -1.56 -11.46 9.48
N LEU A 216 -1.82 -10.18 9.21
CA LEU A 216 -1.12 -9.51 8.12
C LEU A 216 0.32 -9.19 8.50
N GLU A 217 0.57 -8.83 9.76
CA GLU A 217 1.96 -8.61 10.18
C GLU A 217 2.77 -9.89 10.07
N SER A 218 2.19 -11.02 10.48
CA SER A 218 2.88 -12.29 10.30
C SER A 218 3.23 -12.53 8.84
N LEU A 219 2.29 -12.24 7.94
CA LEU A 219 2.59 -12.38 6.52
C LEU A 219 3.76 -11.51 6.12
N GLY A 220 3.86 -10.31 6.70
CA GLY A 220 4.99 -9.44 6.41
C GLY A 220 6.32 -10.07 6.76
N TYR A 221 6.39 -10.74 7.92
CA TYR A 221 7.61 -11.46 8.28
C TYR A 221 7.86 -12.63 7.33
N VAL A 222 6.79 -13.31 6.89
CA VAL A 222 6.95 -14.40 5.94
C VAL A 222 7.61 -13.91 4.66
N LEU A 223 7.15 -12.76 4.15
CA LEU A 223 7.69 -12.26 2.90
C LEU A 223 9.17 -11.88 3.03
N MET A 224 9.54 -11.23 4.13
CA MET A 224 10.96 -10.91 4.34
C MET A 224 11.78 -12.17 4.60
N TYR A 225 11.17 -13.19 5.22
CA TYR A 225 11.81 -14.48 5.37
C TYR A 225 12.16 -15.08 4.01
N PHE A 226 11.22 -15.05 3.07
CA PHE A 226 11.52 -15.53 1.72
C PHE A 226 12.64 -14.72 1.08
N ASN A 227 12.66 -13.41 1.33
CA ASN A 227 13.69 -12.54 0.74
C ASN A 227 15.06 -12.83 1.33
N LEU A 228 15.13 -13.06 2.64
CA LEU A 228 16.40 -13.13 3.33
C LEU A 228 16.95 -14.56 3.46
N GLY A 229 16.08 -15.56 3.39
CA GLY A 229 16.46 -16.92 3.73
C GLY A 229 16.33 -17.26 5.19
N SER A 230 16.12 -16.27 6.04
CA SER A 230 15.93 -16.48 7.47
C SER A 230 15.47 -15.14 8.06
N LEU A 231 15.17 -15.15 9.36
CA LEU A 231 14.87 -13.93 10.08
C LEU A 231 15.87 -13.74 11.21
N PRO A 232 16.15 -12.49 11.60
CA PRO A 232 17.21 -12.26 12.62
C PRO A 232 16.97 -12.99 13.93
N TRP A 233 15.71 -13.22 14.29
CA TRP A 233 15.36 -13.90 15.53
C TRP A 233 15.20 -15.40 15.36
N GLN A 234 15.43 -15.91 14.14
CA GLN A 234 15.33 -17.34 13.89
C GLN A 234 16.51 -18.07 14.50
N GLY A 235 16.24 -19.20 15.14
CA GLY A 235 17.28 -20.06 15.68
C GLY A 235 17.74 -19.72 17.08
N LEU A 236 17.10 -18.76 17.74
CA LEU A 236 17.49 -18.40 19.10
C LEU A 236 16.98 -19.47 20.06
N LYS A 237 17.85 -19.90 20.98
CA LYS A 237 17.56 -21.02 21.86
C LYS A 237 17.62 -20.61 23.32
N ALA A 238 17.01 -21.46 24.15
CA ALA A 238 16.95 -21.24 25.59
C ALA A 238 16.62 -22.57 26.25
N ALA A 239 16.62 -22.57 27.58
CA ALA A 239 16.35 -23.80 28.32
C ALA A 239 14.90 -24.24 28.17
N THR A 240 13.96 -23.29 28.28
CA THR A 240 12.54 -23.57 28.17
C THR A 240 11.91 -22.64 27.14
N LYS A 241 10.70 -23.03 26.72
CA LYS A 241 9.98 -22.26 25.70
C LYS A 241 9.78 -20.82 26.14
N ARG A 242 9.42 -20.60 27.41
CA ARG A 242 9.16 -19.24 27.88
C ARG A 242 10.36 -18.34 27.64
N GLN A 243 11.55 -18.78 28.05
CA GLN A 243 12.75 -17.99 27.81
C GLN A 243 12.99 -17.83 26.31
N LYS A 244 12.76 -18.89 25.54
CA LYS A 244 12.95 -18.82 24.09
C LYS A 244 12.05 -17.74 23.48
N TYR A 245 10.76 -17.74 23.85
CA TYR A 245 9.86 -16.74 23.28
C TYR A 245 10.27 -15.33 23.67
N GLU A 246 10.69 -15.14 24.93
CA GLU A 246 11.17 -13.82 25.34
C GLU A 246 12.39 -13.41 24.52
N ARG A 247 13.29 -14.37 24.24
CA ARG A 247 14.43 -14.10 23.38
C ARG A 247 13.98 -13.60 22.01
N ILE A 248 13.06 -14.32 21.39
CA ILE A 248 12.56 -13.94 20.06
C ILE A 248 11.86 -12.59 20.14
N SER A 249 10.99 -12.42 21.14
CA SER A 249 10.29 -11.15 21.31
C SER A 249 11.28 -10.00 21.45
N GLU A 250 12.29 -10.17 22.32
CA GLU A 250 13.27 -9.11 22.53
C GLU A 250 13.96 -8.73 21.22
N LYS A 251 14.41 -9.73 20.45
CA LYS A 251 15.12 -9.44 19.20
C LYS A 251 14.17 -8.81 18.19
N LYS A 252 12.94 -9.30 18.13
CA LYS A 252 11.96 -8.72 17.22
C LYS A 252 11.70 -7.26 17.57
N MET A 253 11.59 -6.95 18.86
CA MET A 253 11.32 -5.58 19.27
C MET A 253 12.52 -4.66 19.05
N SER A 254 13.74 -5.20 19.13
CA SER A 254 14.94 -4.38 18.97
C SER A 254 15.43 -4.30 17.53
N THR A 255 14.72 -4.92 16.58
CA THR A 255 15.09 -4.85 15.18
C THR A 255 14.12 -3.92 14.46
N PRO A 256 14.49 -2.67 14.19
CA PRO A 256 13.59 -1.79 13.45
C PRO A 256 13.29 -2.32 12.05
N ILE A 257 12.11 -1.95 11.54
CA ILE A 257 11.68 -2.44 10.23
C ILE A 257 12.69 -2.03 9.16
N GLU A 258 13.24 -0.82 9.27
CA GLU A 258 14.16 -0.34 8.24
C GLU A 258 15.46 -1.15 8.23
N VAL A 259 15.85 -1.71 9.37
CA VAL A 259 17.02 -2.57 9.43
C VAL A 259 16.69 -3.96 8.89
N LEU A 260 15.54 -4.51 9.28
CA LEU A 260 15.13 -5.81 8.78
C LEU A 260 15.07 -5.82 7.25
N CYS A 261 14.54 -4.75 6.66
CA CYS A 261 14.28 -4.70 5.23
C CYS A 261 15.39 -4.00 4.45
N LYS A 262 16.52 -3.68 5.07
CA LYS A 262 17.59 -2.97 4.39
C LYS A 262 18.05 -3.75 3.16
N GLY A 263 18.20 -3.05 2.05
CA GLY A 263 18.66 -3.66 0.82
C GLY A 263 17.59 -4.30 -0.03
N TYR A 264 16.31 -4.12 0.32
CA TYR A 264 15.20 -4.66 -0.44
C TYR A 264 14.23 -3.53 -0.76
N PRO A 265 13.38 -3.74 -1.77
CA PRO A 265 12.45 -2.66 -2.18
C PRO A 265 11.65 -2.13 -1.01
N SER A 266 11.45 -0.81 -1.00
CA SER A 266 10.82 -0.14 0.13
C SER A 266 9.42 -0.67 0.43
N GLU A 267 8.76 -1.31 -0.54
CA GLU A 267 7.40 -1.79 -0.33
C GLU A 267 7.30 -2.75 0.84
N PHE A 268 8.34 -3.57 1.08
CA PHE A 268 8.27 -4.52 2.18
C PHE A 268 8.27 -3.82 3.53
N ALA A 269 9.05 -2.74 3.67
CA ALA A 269 8.99 -1.95 4.90
C ALA A 269 7.67 -1.21 5.02
N THR A 270 7.20 -0.64 3.90
CA THR A 270 5.91 0.05 3.92
C THR A 270 4.79 -0.88 4.36
N TYR A 271 4.80 -2.12 3.86
CA TYR A 271 3.82 -3.12 4.26
C TYR A 271 3.85 -3.35 5.76
N LEU A 272 5.04 -3.62 6.31
CA LEU A 272 5.15 -3.94 7.73
C LEU A 272 4.79 -2.74 8.59
N ASN A 273 5.22 -1.54 8.21
CA ASN A 273 4.87 -0.35 8.97
C ASN A 273 3.36 -0.13 8.97
N PHE A 274 2.71 -0.36 7.83
CA PHE A 274 1.26 -0.21 7.77
C PHE A 274 0.57 -1.16 8.74
N CYS A 275 0.99 -2.43 8.75
CA CYS A 275 0.37 -3.41 9.63
C CYS A 275 0.54 -3.05 11.09
N ARG A 276 1.73 -2.58 11.47
CA ARG A 276 1.96 -2.19 12.85
C ARG A 276 1.22 -0.92 13.23
N SER A 277 0.80 -0.12 12.24
N SER A 277 0.79 -0.12 12.24
CA SER A 277 0.05 1.11 12.52
CA SER A 277 0.05 1.11 12.52
C SER A 277 -1.43 0.86 12.71
C SER A 277 -1.43 0.85 12.75
N LEU A 278 -1.92 -0.34 12.42
CA LEU A 278 -3.34 -0.65 12.57
C LEU A 278 -3.71 -0.79 14.04
N ARG A 279 -4.88 -0.27 14.40
CA ARG A 279 -5.42 -0.45 15.73
C ARG A 279 -6.13 -1.80 15.83
N PHE A 280 -6.40 -2.21 17.07
CA PHE A 280 -6.93 -3.55 17.33
C PHE A 280 -8.14 -3.85 16.45
N ASP A 281 -9.08 -2.91 16.36
CA ASP A 281 -10.35 -3.12 15.66
C ASP A 281 -10.31 -2.75 14.19
N ASP A 282 -9.22 -2.16 13.71
CA ASP A 282 -9.18 -1.61 12.36
C ASP A 282 -9.39 -2.67 11.28
N LYS A 283 -10.17 -2.31 10.27
CA LYS A 283 -10.27 -3.10 9.06
C LYS A 283 -9.07 -2.80 8.15
N PRO A 284 -8.21 -3.78 7.86
CA PRO A 284 -7.06 -3.49 7.00
C PRO A 284 -7.50 -3.11 5.59
N ASP A 285 -6.71 -2.23 4.96
CA ASP A 285 -6.90 -1.90 3.55
C ASP A 285 -6.14 -2.91 2.72
N TYR A 286 -6.78 -4.06 2.47
CA TYR A 286 -6.13 -5.15 1.74
C TYR A 286 -5.76 -4.71 0.34
N SER A 287 -6.62 -3.91 -0.31
CA SER A 287 -6.35 -3.48 -1.67
C SER A 287 -5.09 -2.63 -1.74
N TYR A 288 -4.91 -1.73 -0.76
CA TYR A 288 -3.71 -0.92 -0.72
C TYR A 288 -2.46 -1.78 -0.57
N LEU A 289 -2.52 -2.80 0.29
CA LEU A 289 -1.36 -3.66 0.49
C LEU A 289 -1.02 -4.44 -0.77
N ARG A 290 -2.03 -5.00 -1.45
CA ARG A 290 -1.77 -5.67 -2.72
C ARG A 290 -1.20 -4.70 -3.75
N GLN A 291 -1.69 -3.46 -3.77
CA GLN A 291 -1.22 -2.51 -4.77
C GLN A 291 0.24 -2.15 -4.58
N LEU A 292 0.72 -2.15 -3.33
CA LEU A 292 2.14 -1.95 -3.07
C LEU A 292 2.99 -2.89 -3.90
N PHE A 293 2.67 -4.18 -3.85
CA PHE A 293 3.49 -5.17 -4.52
C PHE A 293 3.20 -5.22 -6.02
N ARG A 294 1.97 -4.92 -6.43
CA ARG A 294 1.68 -4.80 -7.86
C ARG A 294 2.45 -3.63 -8.47
N ASN A 295 2.56 -2.52 -7.74
CA ASN A 295 3.35 -1.39 -8.22
C ASN A 295 4.81 -1.77 -8.41
N LEU A 296 5.39 -2.43 -7.41
CA LEU A 296 6.79 -2.88 -7.53
C LEU A 296 6.93 -3.85 -8.69
N PHE A 297 5.97 -4.77 -8.83
CA PHE A 297 5.99 -5.69 -9.96
C PHE A 297 6.10 -4.93 -11.28
N HIS A 298 5.35 -3.84 -11.42
CA HIS A 298 5.39 -3.05 -12.65
C HIS A 298 6.75 -2.37 -12.81
N ARG A 299 7.23 -1.71 -11.77
CA ARG A 299 8.48 -0.96 -11.89
C ARG A 299 9.65 -1.89 -12.19
N GLN A 300 9.59 -3.14 -11.73
CA GLN A 300 10.66 -4.09 -12.00
C GLN A 300 10.63 -4.65 -13.42
N GLY A 301 9.56 -4.44 -14.16
CA GLY A 301 9.52 -4.91 -15.53
C GLY A 301 9.20 -6.38 -15.69
N PHE A 302 8.81 -7.06 -14.62
CA PHE A 302 8.49 -8.47 -14.72
C PHE A 302 7.36 -8.70 -15.71
N SER A 303 7.34 -9.90 -16.29
CA SER A 303 6.32 -10.25 -17.27
C SER A 303 5.18 -10.98 -16.59
N TYR A 304 4.04 -11.01 -17.27
CA TYR A 304 2.84 -11.60 -16.72
C TYR A 304 2.81 -13.12 -16.81
N ASP A 305 3.87 -13.75 -17.33
CA ASP A 305 3.98 -15.20 -17.25
C ASP A 305 3.94 -15.65 -15.80
N TYR A 306 2.89 -16.39 -15.45
CA TYR A 306 2.67 -16.84 -14.06
C TYR A 306 3.46 -18.13 -13.79
N VAL A 307 4.77 -17.98 -13.70
CA VAL A 307 5.70 -19.08 -13.43
C VAL A 307 6.47 -18.82 -12.15
N PHE A 308 6.35 -19.73 -11.18
CA PHE A 308 7.11 -19.61 -9.93
C PHE A 308 8.52 -20.19 -10.09
N ASP A 309 9.40 -19.84 -9.15
CA ASP A 309 10.80 -20.26 -9.21
C ASP A 309 10.96 -21.78 -9.32
N TRP A 310 10.21 -22.53 -8.52
CA TRP A 310 10.44 -23.96 -8.42
C TRP A 310 10.12 -24.70 -9.72
N ASN A 311 9.39 -24.07 -10.63
CA ASN A 311 9.17 -24.62 -11.96
C ASN A 311 10.23 -24.18 -12.97
N MET A 312 11.27 -23.47 -12.54
CA MET A 312 12.27 -22.92 -13.46
C MET A 312 13.65 -22.81 -12.81
N LEU A 313 14.07 -23.85 -12.10
CA LEU A 313 15.35 -23.80 -11.38
C LEU A 313 16.48 -23.47 -12.34
N LEU B 23 -18.65 5.36 -29.42
CA LEU B 23 -17.23 5.07 -29.32
C LEU B 23 -16.44 6.18 -30.02
N ARG B 24 -16.35 7.32 -29.33
CA ARG B 24 -15.77 8.53 -29.89
C ARG B 24 -14.26 8.42 -30.08
N VAL B 25 -13.51 8.42 -28.98
CA VAL B 25 -12.06 8.55 -29.03
C VAL B 25 -11.42 7.18 -28.88
N GLY B 26 -10.36 6.94 -29.65
CA GLY B 26 -9.65 5.67 -29.61
C GLY B 26 -10.50 4.46 -29.95
N ASN B 27 -11.62 4.67 -30.64
CA ASN B 27 -12.53 3.58 -31.01
C ASN B 27 -13.01 2.79 -29.80
N ARG B 28 -12.99 3.38 -28.60
CA ARG B 28 -13.27 2.60 -27.41
C ARG B 28 -13.96 3.39 -26.30
N TYR B 29 -13.74 4.70 -26.23
CA TYR B 29 -14.23 5.52 -25.13
C TYR B 29 -15.29 6.49 -25.64
N ARG B 30 -16.45 6.50 -24.97
CA ARG B 30 -17.52 7.44 -25.28
C ARG B 30 -17.33 8.71 -24.46
N LEU B 31 -17.30 9.86 -25.14
CA LEU B 31 -17.10 11.13 -24.47
C LEU B 31 -18.39 11.59 -23.80
N GLY B 32 -18.29 11.98 -22.53
CA GLY B 32 -19.45 12.42 -21.78
C GLY B 32 -19.43 13.91 -21.48
N ARG B 33 -20.01 14.31 -20.35
CA ARG B 33 -20.14 15.72 -20.03
C ARG B 33 -18.84 16.27 -19.44
N LYS B 34 -18.69 17.59 -19.58
CA LYS B 34 -17.56 18.29 -19.00
C LYS B 34 -17.59 18.18 -17.48
N ILE B 35 -16.41 17.97 -16.88
CA ILE B 35 -16.30 17.86 -15.42
C ILE B 35 -15.23 18.79 -14.88
N GLY B 36 -14.43 19.37 -15.78
CA GLY B 36 -13.37 20.28 -15.36
C GLY B 36 -12.69 20.98 -16.53
N ASP B 42 -10.05 21.41 -20.08
CA ASP B 42 -10.89 20.65 -21.00
C ASP B 42 -10.93 19.18 -20.62
N ILE B 43 -11.63 18.87 -19.53
CA ILE B 43 -11.71 17.51 -19.00
C ILE B 43 -13.15 17.03 -19.09
N TYR B 44 -13.33 15.83 -19.63
CA TYR B 44 -14.65 15.26 -19.84
C TYR B 44 -14.75 13.91 -19.14
N LEU B 45 -15.94 13.63 -18.61
CA LEU B 45 -16.23 12.28 -18.18
C LEU B 45 -16.39 11.40 -19.41
N GLY B 46 -15.92 10.16 -19.31
CA GLY B 46 -16.02 9.23 -20.41
C GLY B 46 -16.36 7.84 -19.92
N THR B 47 -16.71 6.98 -20.87
CA THR B 47 -17.05 5.59 -20.57
C THR B 47 -16.20 4.68 -21.43
N ASP B 48 -15.46 3.79 -20.79
CA ASP B 48 -14.78 2.69 -21.48
C ASP B 48 -15.84 1.69 -21.90
N ILE B 49 -16.20 1.70 -23.19
CA ILE B 49 -17.37 0.94 -23.64
C ILE B 49 -17.17 -0.55 -23.42
N ALA B 50 -15.95 -1.04 -23.66
CA ALA B 50 -15.70 -2.47 -23.54
C ALA B 50 -15.72 -2.91 -22.08
N ALA B 51 -15.02 -2.18 -21.20
CA ALA B 51 -14.94 -2.55 -19.80
C ALA B 51 -16.13 -2.05 -18.99
N GLY B 52 -16.81 -1.01 -19.46
CA GLY B 52 -17.97 -0.47 -18.76
C GLY B 52 -17.66 0.53 -17.68
N GLU B 53 -16.39 0.84 -17.43
CA GLU B 53 -16.02 1.74 -16.35
C GLU B 53 -15.86 3.16 -16.87
N GLU B 54 -16.08 4.13 -15.99
CA GLU B 54 -15.93 5.52 -16.37
C GLU B 54 -14.48 5.96 -16.26
N VAL B 55 -14.11 6.94 -17.09
CA VAL B 55 -12.75 7.44 -17.18
C VAL B 55 -12.82 8.96 -17.28
N ALA B 56 -11.66 9.60 -17.18
CA ALA B 56 -11.52 11.03 -17.41
C ALA B 56 -10.75 11.23 -18.71
N ILE B 57 -11.24 12.13 -19.56
CA ILE B 57 -10.66 12.37 -20.87
C ILE B 57 -10.26 13.83 -20.96
N LYS B 58 -9.01 14.08 -21.30
CA LYS B 58 -8.51 15.44 -21.51
C LYS B 58 -8.32 15.68 -22.99
N LEU B 59 -8.82 16.82 -23.47
CA LEU B 59 -8.72 17.21 -24.87
C LEU B 59 -7.86 18.47 -24.95
N GLU B 60 -6.88 18.45 -25.84
CA GLU B 60 -6.00 19.58 -26.08
C GLU B 60 -6.15 20.03 -27.52
N CYS B 61 -6.52 21.29 -27.71
CA CYS B 61 -6.62 21.84 -29.07
C CYS B 61 -5.23 21.86 -29.68
N VAL B 62 -5.09 21.24 -30.85
CA VAL B 62 -3.82 21.20 -31.56
C VAL B 62 -3.36 22.63 -31.84
N GLN B 68 3.61 17.88 -26.81
CA GLN B 68 3.05 18.66 -25.71
C GLN B 68 2.24 17.75 -24.81
N LEU B 69 1.01 17.43 -25.22
CA LEU B 69 0.28 16.37 -24.56
C LEU B 69 1.05 15.06 -24.68
N HIS B 70 1.76 14.88 -25.79
CA HIS B 70 2.61 13.72 -26.00
C HIS B 70 3.75 13.70 -24.98
N ILE B 71 4.40 14.84 -24.78
CA ILE B 71 5.49 14.93 -23.80
C ILE B 71 4.98 14.53 -22.42
N GLU B 72 3.83 15.05 -22.01
CA GLU B 72 3.31 14.77 -20.68
C GLU B 72 2.97 13.29 -20.52
N SER B 73 2.41 12.67 -21.56
CA SER B 73 2.04 11.27 -21.46
C SER B 73 3.26 10.39 -21.18
N LYS B 74 4.41 10.72 -21.78
CA LYS B 74 5.60 9.90 -21.56
C LYS B 74 6.09 10.02 -20.12
N ILE B 75 5.91 11.18 -19.48
CA ILE B 75 6.28 11.31 -18.08
C ILE B 75 5.35 10.49 -17.20
N TYR B 76 4.04 10.58 -17.45
CA TYR B 76 3.09 9.72 -16.74
C TYR B 76 3.51 8.26 -16.83
N LYS B 77 3.88 7.80 -18.03
CA LYS B 77 4.28 6.40 -18.20
C LYS B 77 5.52 6.08 -17.38
N MET B 78 6.49 7.00 -17.35
CA MET B 78 7.68 6.77 -16.54
C MET B 78 7.34 6.75 -15.05
N MET B 79 6.29 7.45 -14.65
CA MET B 79 5.91 7.51 -13.23
C MET B 79 5.06 6.33 -12.78
N GLN B 80 4.48 5.58 -13.70
CA GLN B 80 3.56 4.52 -13.31
C GLN B 80 4.24 3.58 -12.32
N GLY B 81 3.48 3.12 -11.34
CA GLY B 81 3.99 2.24 -10.32
C GLY B 81 4.19 2.88 -8.96
N GLY B 82 3.70 4.10 -8.74
CA GLY B 82 3.74 4.73 -7.44
C GLY B 82 2.36 4.81 -6.82
N VAL B 83 2.31 4.80 -5.49
CA VAL B 83 1.06 5.07 -4.79
C VAL B 83 0.62 6.49 -5.12
N GLY B 84 -0.67 6.65 -5.42
CA GLY B 84 -1.18 7.97 -5.71
C GLY B 84 -0.75 8.54 -7.04
N ILE B 85 -0.22 7.71 -7.92
CA ILE B 85 0.12 8.11 -9.30
C ILE B 85 -0.95 7.57 -10.22
N PRO B 86 -1.67 8.42 -10.95
CA PRO B 86 -2.75 7.90 -11.82
C PRO B 86 -2.21 7.15 -13.01
N THR B 87 -3.00 6.18 -13.47
CA THR B 87 -2.66 5.39 -14.65
C THR B 87 -3.33 5.98 -15.88
N ILE B 88 -2.57 6.04 -16.98
CA ILE B 88 -3.08 6.48 -18.27
C ILE B 88 -3.53 5.27 -19.06
N ARG B 89 -4.77 5.30 -19.55
CA ARG B 89 -5.32 4.17 -20.28
C ARG B 89 -5.12 4.28 -21.79
N TRP B 90 -4.99 5.50 -22.31
CA TRP B 90 -4.88 5.68 -23.75
C TRP B 90 -4.41 7.11 -24.02
N CYS B 91 -3.73 7.28 -25.16
N CYS B 91 -3.74 7.28 -25.17
CA CYS B 91 -3.33 8.62 -25.59
CA CYS B 91 -3.28 8.59 -25.59
C CYS B 91 -3.18 8.62 -27.10
C CYS B 91 -3.19 8.61 -27.11
N GLY B 92 -3.70 9.67 -27.72
CA GLY B 92 -3.62 9.79 -29.16
C GLY B 92 -4.25 11.08 -29.64
N ALA B 93 -4.61 11.10 -30.92
CA ALA B 93 -5.21 12.26 -31.55
C ALA B 93 -6.58 11.90 -32.11
N GLU B 94 -7.55 12.80 -31.90
CA GLU B 94 -8.92 12.61 -32.39
C GLU B 94 -9.39 13.96 -32.94
N GLY B 95 -9.36 14.10 -34.27
CA GLY B 95 -9.71 15.37 -34.88
C GLY B 95 -8.62 16.39 -34.66
N ASP B 96 -9.01 17.65 -34.43
CA ASP B 96 -8.07 18.70 -34.08
C ASP B 96 -7.71 18.69 -32.59
N TYR B 97 -7.74 17.52 -31.97
CA TYR B 97 -7.54 17.39 -30.53
C TYR B 97 -6.47 16.34 -30.27
N ASN B 98 -5.57 16.64 -29.33
CA ASN B 98 -4.75 15.60 -28.71
C ASN B 98 -5.52 15.08 -27.51
N VAL B 99 -5.55 13.75 -27.35
CA VAL B 99 -6.43 13.10 -26.37
C VAL B 99 -5.59 12.26 -25.44
N MET B 100 -5.90 12.36 -24.13
CA MET B 100 -5.36 11.45 -23.12
C MET B 100 -6.51 10.97 -22.26
N VAL B 101 -6.50 9.68 -21.92
CA VAL B 101 -7.54 9.06 -21.10
C VAL B 101 -6.90 8.54 -19.82
N MET B 102 -7.47 8.96 -18.68
CA MET B 102 -6.93 8.63 -17.36
C MET B 102 -8.03 7.93 -16.55
N GLU B 103 -7.60 7.12 -15.58
CA GLU B 103 -8.55 6.59 -14.62
C GLU B 103 -9.28 7.74 -13.94
N LEU B 104 -10.56 7.54 -13.64
CA LEU B 104 -11.37 8.61 -13.08
C LEU B 104 -10.99 8.84 -11.63
N LEU B 105 -10.60 10.06 -11.30
CA LEU B 105 -10.32 10.49 -9.94
C LEU B 105 -11.42 11.44 -9.50
N GLY B 106 -11.29 11.97 -8.28
CA GLY B 106 -12.32 12.78 -7.70
C GLY B 106 -11.99 14.26 -7.71
N PRO B 107 -12.68 15.03 -6.86
CA PRO B 107 -12.42 16.47 -6.80
C PRO B 107 -11.01 16.76 -6.31
N SER B 108 -10.52 17.95 -6.67
CA SER B 108 -9.20 18.38 -6.23
C SER B 108 -9.26 18.87 -4.78
N LEU B 109 -8.09 19.07 -4.18
CA LEU B 109 -8.06 19.58 -2.81
C LEU B 109 -8.56 21.01 -2.74
N GLU B 110 -8.41 21.79 -3.81
CA GLU B 110 -9.02 23.11 -3.84
C GLU B 110 -10.54 23.01 -3.83
N ASP B 111 -11.09 22.08 -4.62
CA ASP B 111 -12.54 21.86 -4.61
C ASP B 111 -13.03 21.50 -3.21
N LEU B 112 -12.34 20.55 -2.56
CA LEU B 112 -12.76 20.08 -1.24
C LEU B 112 -12.56 21.16 -0.19
N PHE B 113 -11.53 21.98 -0.33
CA PHE B 113 -11.32 23.11 0.57
C PHE B 113 -12.53 24.04 0.54
N ASN B 114 -12.97 24.42 -0.67
CA ASN B 114 -14.17 25.24 -0.80
C ASN B 114 -15.39 24.53 -0.25
N PHE B 115 -15.52 23.23 -0.51
CA PHE B 115 -16.64 22.46 0.03
C PHE B 115 -16.67 22.51 1.55
N CYS B 116 -15.50 22.59 2.18
CA CYS B 116 -15.40 22.71 3.63
C CYS B 116 -15.35 24.15 4.11
N SER B 117 -15.91 25.08 3.33
CA SER B 117 -15.97 26.49 3.71
C SER B 117 -14.57 27.08 3.92
N ARG B 118 -13.60 26.56 3.16
CA ARG B 118 -12.23 27.06 3.16
C ARG B 118 -11.63 27.03 4.56
N LYS B 119 -11.86 25.93 5.27
CA LYS B 119 -11.17 25.67 6.52
C LYS B 119 -11.03 24.17 6.71
N PHE B 120 -9.81 23.71 6.97
CA PHE B 120 -9.52 22.32 7.29
C PHE B 120 -9.12 22.21 8.75
N SER B 121 -9.55 21.14 9.40
CA SER B 121 -9.07 20.84 10.74
C SER B 121 -7.59 20.51 10.70
N LEU B 122 -6.92 20.65 11.85
CA LEU B 122 -5.51 20.28 11.92
C LEU B 122 -5.30 18.84 11.50
N LYS B 123 -6.20 17.94 11.91
CA LYS B 123 -6.04 16.53 11.55
C LYS B 123 -6.03 16.34 10.04
N THR B 124 -6.98 16.97 9.33
CA THR B 124 -7.01 16.84 7.88
C THR B 124 -5.75 17.41 7.24
N VAL B 125 -5.27 18.56 7.73
CA VAL B 125 -4.04 19.13 7.17
C VAL B 125 -2.88 18.17 7.34
N LEU B 126 -2.78 17.52 8.51
CA LEU B 126 -1.67 16.61 8.75
C LEU B 126 -1.81 15.31 7.96
N LEU B 127 -3.04 14.81 7.80
CA LEU B 127 -3.26 13.65 6.96
C LEU B 127 -2.83 13.94 5.53
N LEU B 128 -3.22 15.11 5.00
CA LEU B 128 -2.82 15.48 3.66
C LEU B 128 -1.31 15.68 3.55
N ALA B 129 -0.70 16.33 4.55
CA ALA B 129 0.74 16.59 4.51
C ALA B 129 1.54 15.30 4.36
N ASP B 130 1.16 14.26 5.11
CA ASP B 130 1.93 13.02 5.06
C ASP B 130 1.90 12.42 3.66
N GLN B 131 0.72 12.37 3.04
CA GLN B 131 0.62 11.81 1.71
C GLN B 131 1.28 12.70 0.66
N MET B 132 1.11 14.01 0.78
CA MET B 132 1.65 14.91 -0.24
C MET B 132 3.17 14.90 -0.25
N ILE B 133 3.80 14.81 0.94
CA ILE B 133 5.26 14.69 0.96
C ILE B 133 5.69 13.42 0.25
N SER B 134 4.96 12.33 0.47
CA SER B 134 5.33 11.05 -0.15
C SER B 134 5.16 11.10 -1.66
N ARG B 135 4.09 11.74 -2.15
CA ARG B 135 3.90 11.85 -3.59
C ARG B 135 5.08 12.59 -4.23
N ILE B 136 5.49 13.70 -3.62
CA ILE B 136 6.61 14.47 -4.14
C ILE B 136 7.90 13.65 -4.06
N GLU B 137 8.12 12.94 -2.95
CA GLU B 137 9.31 12.11 -2.83
C GLU B 137 9.35 11.08 -3.95
N TYR B 138 8.22 10.44 -4.25
CA TYR B 138 8.18 9.44 -5.30
C TYR B 138 8.59 10.04 -6.65
N ILE B 139 7.99 11.19 -6.98
CA ILE B 139 8.34 11.84 -8.24
C ILE B 139 9.83 12.12 -8.30
N HIS B 140 10.41 12.64 -7.21
CA HIS B 140 11.83 12.92 -7.18
C HIS B 140 12.66 11.64 -7.32
N SER B 141 12.18 10.53 -6.73
CA SER B 141 12.88 9.25 -6.86
C SER B 141 12.92 8.77 -8.30
N LYS B 142 11.97 9.21 -9.13
CA LYS B 142 11.96 8.86 -10.54
C LYS B 142 12.56 9.98 -11.40
N ASN B 143 13.38 10.83 -10.80
CA ASN B 143 14.30 11.72 -11.49
C ASN B 143 13.66 12.99 -12.06
N PHE B 144 12.46 13.34 -11.61
CA PHE B 144 11.77 14.53 -12.09
C PHE B 144 11.40 15.43 -10.92
N ILE B 145 11.28 16.72 -11.22
CA ILE B 145 10.67 17.69 -10.33
C ILE B 145 9.34 18.13 -10.95
N HIS B 146 8.35 18.37 -10.10
CA HIS B 146 7.00 18.62 -10.59
C HIS B 146 6.85 20.06 -11.08
N ARG B 147 7.28 21.04 -10.26
CA ARG B 147 7.36 22.47 -10.57
C ARG B 147 6.01 23.18 -10.57
N ASP B 148 4.92 22.53 -10.20
CA ASP B 148 3.65 23.23 -10.04
C ASP B 148 2.82 22.57 -8.94
N VAL B 149 3.41 22.50 -7.74
CA VAL B 149 2.74 21.93 -6.59
C VAL B 149 1.71 22.93 -6.09
N LYS B 150 0.44 22.53 -6.09
CA LYS B 150 -0.65 23.39 -5.67
C LYS B 150 -1.88 22.54 -5.38
N PRO B 151 -2.85 23.07 -4.64
CA PRO B 151 -4.03 22.26 -4.29
C PRO B 151 -4.80 21.73 -5.50
N ASP B 152 -4.80 22.47 -6.60
CA ASP B 152 -5.55 22.08 -7.79
C ASP B 152 -4.96 20.85 -8.48
N ASN B 153 -3.72 20.50 -8.16
CA ASN B 153 -3.04 19.36 -8.77
C ASN B 153 -2.97 18.14 -7.87
N PHE B 154 -3.71 18.16 -6.75
CA PHE B 154 -3.87 16.97 -5.91
C PHE B 154 -5.36 16.62 -5.90
N LEU B 155 -5.67 15.39 -6.29
CA LEU B 155 -7.04 14.92 -6.38
C LEU B 155 -7.22 13.73 -5.45
N MET B 156 -8.37 13.67 -4.78
CA MET B 156 -8.71 12.48 -4.03
C MET B 156 -9.26 11.41 -4.97
N GLY B 157 -9.00 10.15 -4.63
CA GLY B 157 -9.63 9.06 -5.35
C GLY B 157 -11.11 9.01 -5.06
N LEU B 158 -11.83 8.24 -5.86
CA LEU B 158 -13.25 7.98 -5.66
C LEU B 158 -13.46 6.57 -5.14
N GLY B 159 -14.61 6.38 -4.49
CA GLY B 159 -14.99 5.03 -4.07
C GLY B 159 -14.04 4.49 -3.03
N LYS B 160 -13.55 3.27 -3.27
CA LYS B 160 -12.60 2.62 -2.36
C LYS B 160 -11.25 3.33 -2.32
N LYS B 161 -10.96 4.23 -3.25
CA LYS B 161 -9.72 4.99 -3.24
C LYS B 161 -9.90 6.35 -2.58
N GLY B 162 -11.02 6.54 -1.88
CA GLY B 162 -11.37 7.81 -1.27
C GLY B 162 -10.40 8.29 -0.21
N ASN B 163 -9.56 7.39 0.33
CA ASN B 163 -8.60 7.76 1.35
C ASN B 163 -7.27 8.18 0.75
N LEU B 164 -7.14 8.14 -0.58
CA LEU B 164 -5.85 8.30 -1.24
C LEU B 164 -5.75 9.63 -1.97
N VAL B 165 -4.68 10.37 -1.71
CA VAL B 165 -4.36 11.60 -2.43
C VAL B 165 -3.54 11.25 -3.67
N TYR B 166 -3.99 11.68 -4.84
CA TYR B 166 -3.24 11.54 -6.08
C TYR B 166 -2.63 12.87 -6.49
N ILE B 167 -1.52 12.80 -7.21
CA ILE B 167 -0.90 13.97 -7.82
C ILE B 167 -1.06 13.88 -9.33
N ILE B 168 -1.36 15.01 -9.97
CA ILE B 168 -1.57 15.06 -11.41
C ILE B 168 -0.78 16.21 -12.01
N ASP B 169 -0.78 16.24 -13.36
CA ASP B 169 -0.28 17.36 -14.15
C ASP B 169 1.24 17.41 -14.17
N PHE B 170 1.83 16.77 -15.17
CA PHE B 170 3.27 16.80 -15.39
C PHE B 170 3.64 17.70 -16.56
N GLY B 171 2.74 18.60 -16.96
CA GLY B 171 2.99 19.47 -18.09
C GLY B 171 4.15 20.44 -17.89
N LEU B 172 4.53 20.72 -16.64
CA LEU B 172 5.66 21.57 -16.33
C LEU B 172 6.82 20.81 -15.71
N ALA B 173 6.71 19.50 -15.57
CA ALA B 173 7.74 18.71 -14.93
C ALA B 173 9.01 18.70 -15.77
N LYS B 174 10.14 18.44 -15.11
CA LYS B 174 11.44 18.49 -15.75
C LYS B 174 12.37 17.49 -15.09
N LYS B 175 13.17 16.80 -15.89
CA LYS B 175 14.16 15.89 -15.34
C LYS B 175 15.27 16.70 -14.68
N TYR B 176 15.62 16.34 -13.44
CA TYR B 176 16.65 17.06 -12.70
C TYR B 176 17.91 16.25 -12.50
N ARG B 177 17.92 14.95 -12.83
CA ARG B 177 19.12 14.15 -12.68
C ARG B 177 19.10 13.01 -13.69
N ASP B 178 20.28 12.50 -13.99
CA ASP B 178 20.41 11.32 -14.83
C ASP B 178 19.92 10.08 -14.09
N ALA B 179 19.21 9.21 -14.81
CA ALA B 179 18.62 8.03 -14.18
C ALA B 179 19.69 7.07 -13.66
N ARG B 180 20.79 6.93 -14.39
CA ARG B 180 21.80 5.94 -14.06
C ARG B 180 22.86 6.48 -13.10
N THR B 181 23.39 7.67 -13.39
CA THR B 181 24.44 8.25 -12.56
C THR B 181 23.91 9.16 -11.47
N HIS B 182 22.64 9.58 -11.55
CA HIS B 182 22.06 10.55 -10.62
C HIS B 182 22.78 11.89 -10.65
N GLN B 183 23.49 12.18 -11.74
CA GLN B 183 24.13 13.48 -11.91
C GLN B 183 23.07 14.57 -12.08
N HIS B 184 23.21 15.64 -11.30
CA HIS B 184 22.21 16.71 -11.20
C HIS B 184 22.39 17.73 -12.31
N ILE B 185 21.28 18.35 -12.72
CA ILE B 185 21.33 19.44 -13.69
C ILE B 185 22.02 20.62 -13.02
N PRO B 186 22.66 21.52 -13.77
CA PRO B 186 23.43 22.59 -13.15
C PRO B 186 22.57 23.75 -12.64
N TYR B 187 23.11 24.46 -11.66
CA TYR B 187 22.50 25.68 -11.17
C TYR B 187 22.44 26.72 -12.28
N ARG B 188 21.28 27.36 -12.42
CA ARG B 188 21.09 28.40 -13.42
C ARG B 188 20.19 29.49 -12.85
N GLU B 189 20.35 30.70 -13.37
CA GLU B 189 19.51 31.83 -13.02
C GLU B 189 18.81 32.34 -14.28
N ASN B 190 18.05 33.42 -14.12
CA ASN B 190 17.34 34.05 -15.24
C ASN B 190 16.29 33.13 -15.83
N LYS B 191 15.67 32.31 -14.99
CA LYS B 191 14.63 31.39 -15.45
C LYS B 191 13.27 32.03 -15.29
N ASN B 192 12.39 31.78 -16.25
CA ASN B 192 11.01 32.26 -16.16
C ASN B 192 10.26 31.47 -15.10
N LEU B 193 9.26 32.10 -14.52
CA LEU B 193 8.45 31.46 -13.48
C LEU B 193 7.52 30.44 -14.15
N THR B 194 7.92 29.18 -14.14
CA THR B 194 7.09 28.08 -14.63
C THR B 194 6.40 27.46 -13.42
N GLY B 195 5.13 27.80 -13.24
CA GLY B 195 4.35 27.32 -12.12
C GLY B 195 3.24 28.32 -11.81
N THR B 196 2.75 28.26 -10.56
CA THR B 196 1.72 29.17 -10.08
C THR B 196 2.35 30.13 -9.07
N ALA B 197 2.22 31.44 -9.32
CA ALA B 197 2.91 32.42 -8.50
C ALA B 197 2.54 32.30 -7.02
N ARG B 198 1.28 32.00 -6.73
CA ARG B 198 0.84 31.99 -5.33
C ARG B 198 1.64 31.01 -4.49
N TYR B 199 2.03 29.87 -5.07
CA TYR B 199 2.70 28.82 -4.32
C TYR B 199 4.17 28.69 -4.67
N ALA B 200 4.70 29.54 -5.55
CA ALA B 200 6.09 29.41 -5.97
C ALA B 200 7.06 29.70 -4.82
N SER B 201 8.18 29.00 -4.84
CA SER B 201 9.23 29.25 -3.86
C SER B 201 9.86 30.62 -4.10
N ILE B 202 10.53 31.12 -3.06
CA ILE B 202 11.23 32.40 -3.21
C ILE B 202 12.30 32.31 -4.27
N ASN B 203 13.04 31.19 -4.29
CA ASN B 203 14.09 31.05 -5.30
C ASN B 203 13.51 31.03 -6.71
N THR B 204 12.31 30.46 -6.87
CA THR B 204 11.65 30.50 -8.17
C THR B 204 11.33 31.94 -8.59
N HIS B 205 10.82 32.75 -7.65
CA HIS B 205 10.58 34.16 -7.95
C HIS B 205 11.85 34.87 -8.36
N LEU B 206 12.99 34.47 -7.79
CA LEU B 206 14.26 35.10 -8.12
C LEU B 206 14.84 34.62 -9.44
N GLY B 207 14.17 33.70 -10.14
CA GLY B 207 14.65 33.23 -11.42
C GLY B 207 15.65 32.10 -11.34
N ILE B 208 15.79 31.45 -10.19
CA ILE B 208 16.73 30.36 -10.04
C ILE B 208 16.09 29.06 -10.52
N GLU B 209 16.89 28.23 -11.18
CA GLU B 209 16.43 26.91 -11.61
C GLU B 209 15.78 26.15 -10.46
N GLN B 210 14.60 25.61 -10.73
CA GLN B 210 13.89 24.85 -9.70
C GLN B 210 14.55 23.49 -9.51
N SER B 211 14.58 23.03 -8.26
CA SER B 211 15.11 21.72 -7.91
C SER B 211 14.18 21.10 -6.87
N ARG B 212 14.64 20.03 -6.23
CA ARG B 212 13.76 19.29 -5.32
C ARG B 212 13.26 20.16 -4.17
N ARG B 213 14.12 21.03 -3.65
CA ARG B 213 13.74 21.88 -2.52
C ARG B 213 12.52 22.74 -2.85
N ASP B 214 12.36 23.15 -4.10
CA ASP B 214 11.31 24.10 -4.44
C ASP B 214 9.93 23.44 -4.45
N ASP B 215 9.85 22.19 -4.93
CA ASP B 215 8.60 21.43 -4.81
C ASP B 215 8.14 21.38 -3.36
N LEU B 216 9.08 21.15 -2.43
CA LEU B 216 8.72 21.00 -1.04
C LEU B 216 8.37 22.34 -0.41
N GLU B 217 9.07 23.41 -0.79
CA GLU B 217 8.71 24.73 -0.27
C GLU B 217 7.29 25.10 -0.70
N SER B 218 6.95 24.83 -1.96
CA SER B 218 5.60 25.07 -2.44
C SER B 218 4.58 24.31 -1.59
N LEU B 219 4.86 23.05 -1.29
CA LEU B 219 3.97 22.30 -0.42
C LEU B 219 3.81 22.98 0.93
N GLY B 220 4.89 23.58 1.44
CA GLY B 220 4.80 24.29 2.70
C GLY B 220 3.81 25.45 2.66
N TYR B 221 3.80 26.20 1.55
CA TYR B 221 2.80 27.25 1.39
C TYR B 221 1.41 26.66 1.27
N VAL B 222 1.27 25.51 0.61
CA VAL B 222 -0.04 24.88 0.49
C VAL B 222 -0.59 24.54 1.87
N LEU B 223 0.25 24.00 2.75
CA LEU B 223 -0.23 23.61 4.07
C LEU B 223 -0.66 24.82 4.88
N MET B 224 0.12 25.90 4.84
CA MET B 224 -0.31 27.11 5.55
C MET B 224 -1.52 27.75 4.89
N TYR B 225 -1.65 27.60 3.57
CA TYR B 225 -2.86 28.03 2.88
C TYR B 225 -4.09 27.33 3.44
N PHE B 226 -4.01 25.99 3.60
CA PHE B 226 -5.12 25.26 4.20
C PHE B 226 -5.40 25.72 5.61
N ASN B 227 -4.35 26.04 6.38
CA ASN B 227 -4.52 26.49 7.76
C ASN B 227 -5.20 27.85 7.84
N LEU B 228 -4.83 28.75 6.92
CA LEU B 228 -5.24 30.15 7.02
C LEU B 228 -6.50 30.47 6.23
N GLY B 229 -6.81 29.68 5.21
CA GLY B 229 -7.87 30.04 4.27
C GLY B 229 -7.40 30.91 3.13
N SER B 230 -6.19 31.44 3.20
CA SER B 230 -5.60 32.26 2.15
C SER B 230 -4.13 32.46 2.50
N LEU B 231 -3.41 33.13 1.61
CA LEU B 231 -2.04 33.52 1.87
C LEU B 231 -1.92 35.04 1.80
N PRO B 232 -0.97 35.64 2.53
CA PRO B 232 -0.90 37.11 2.56
C PRO B 232 -0.73 37.75 1.19
N TRP B 233 -0.08 37.06 0.26
CA TRP B 233 0.16 37.58 -1.08
C TRP B 233 -0.93 37.17 -2.06
N GLN B 234 -1.96 36.46 -1.60
CA GLN B 234 -3.06 36.08 -2.47
C GLN B 234 -3.94 37.28 -2.79
N GLY B 235 -4.33 37.39 -4.05
CA GLY B 235 -5.26 38.42 -4.48
C GLY B 235 -4.64 39.74 -4.87
N LEU B 236 -3.31 39.85 -4.90
CA LEU B 236 -2.67 41.09 -5.29
C LEU B 236 -2.75 41.29 -6.81
N LYS B 237 -3.08 42.51 -7.21
CA LYS B 237 -3.41 42.82 -8.58
C LYS B 237 -2.44 43.87 -9.14
N ALA B 238 -2.37 43.95 -10.46
CA ALA B 238 -1.50 44.91 -11.13
C ALA B 238 -1.97 45.06 -12.57
N ALA B 239 -1.33 45.99 -13.28
CA ALA B 239 -1.73 46.26 -14.67
C ALA B 239 -1.34 45.10 -15.57
N THR B 240 -0.12 44.58 -15.43
CA THR B 240 0.38 43.49 -16.24
C THR B 240 0.90 42.37 -15.36
N LYS B 241 1.08 41.20 -15.99
CA LYS B 241 1.54 40.02 -15.26
C LYS B 241 2.87 40.26 -14.55
N ARG B 242 3.82 40.90 -15.23
CA ARG B 242 5.13 41.12 -14.64
C ARG B 242 5.02 41.84 -13.30
N GLN B 243 4.29 42.95 -13.28
CA GLN B 243 4.12 43.70 -12.04
C GLN B 243 3.42 42.86 -10.98
N LYS B 244 2.40 42.08 -11.36
CA LYS B 244 1.69 41.24 -10.41
C LYS B 244 2.64 40.27 -9.72
N TYR B 245 3.47 39.56 -10.50
CA TYR B 245 4.41 38.63 -9.90
C TYR B 245 5.40 39.35 -9.01
N GLU B 246 5.85 40.53 -9.42
CA GLU B 246 6.75 41.32 -8.58
C GLU B 246 6.08 41.65 -7.25
N ARG B 247 4.80 42.04 -7.28
CA ARG B 247 4.10 42.34 -6.03
C ARG B 247 4.00 41.10 -5.15
N ILE B 248 3.66 39.95 -5.74
CA ILE B 248 3.57 38.71 -4.97
C ILE B 248 4.93 38.36 -4.41
N SER B 249 5.96 38.43 -5.26
CA SER B 249 7.32 38.14 -4.81
C SER B 249 7.73 39.07 -3.67
N GLU B 250 7.49 40.37 -3.85
CA GLU B 250 7.86 41.33 -2.81
C GLU B 250 7.19 41.00 -1.50
N LYS B 251 5.87 40.72 -1.52
CA LYS B 251 5.16 40.43 -0.30
C LYS B 251 5.63 39.10 0.30
N LYS B 252 5.88 38.10 -0.54
CA LYS B 252 6.36 36.82 -0.02
C LYS B 252 7.71 36.99 0.67
N MET B 253 8.60 37.79 0.09
CA MET B 253 9.91 37.99 0.66
C MET B 253 9.87 38.82 1.94
N SER B 254 8.89 39.72 2.07
CA SER B 254 8.80 40.58 3.23
C SER B 254 7.96 39.97 4.36
N THR B 255 7.46 38.74 4.18
CA THR B 255 6.69 38.06 5.21
C THR B 255 7.58 36.99 5.83
N PRO B 256 8.18 37.22 7.00
CA PRO B 256 8.96 36.16 7.63
C PRO B 256 8.11 34.94 7.96
N ILE B 257 8.75 33.77 7.98
CA ILE B 257 8.04 32.53 8.23
C ILE B 257 7.32 32.59 9.57
N GLU B 258 7.97 33.17 10.58
CA GLU B 258 7.37 33.20 11.91
C GLU B 258 6.11 34.05 11.94
N VAL B 259 6.01 35.05 11.06
CA VAL B 259 4.80 35.85 10.97
C VAL B 259 3.71 35.11 10.21
N LEU B 260 4.08 34.47 9.10
CA LEU B 260 3.13 33.69 8.31
C LEU B 260 2.47 32.61 9.16
N CYS B 261 3.25 31.92 10.00
CA CYS B 261 2.77 30.77 10.74
C CYS B 261 2.33 31.10 12.16
N LYS B 262 2.24 32.39 12.50
CA LYS B 262 1.87 32.78 13.85
C LYS B 262 0.53 32.18 14.25
N GLY B 263 0.47 31.60 15.44
CA GLY B 263 -0.75 31.02 15.97
C GLY B 263 -1.03 29.59 15.55
N TYR B 264 -0.09 28.93 14.88
CA TYR B 264 -0.23 27.56 14.46
C TYR B 264 0.96 26.75 14.96
N PRO B 265 0.83 25.42 15.02
CA PRO B 265 1.92 24.61 15.56
C PRO B 265 3.25 24.91 14.88
N SER B 266 4.31 24.94 15.69
CA SER B 266 5.63 25.32 15.21
C SER B 266 6.12 24.45 14.07
N GLU B 267 5.56 23.24 13.92
CA GLU B 267 6.03 22.33 12.87
C GLU B 267 5.90 22.95 11.49
N PHE B 268 4.88 23.78 11.26
CA PHE B 268 4.72 24.37 9.94
C PHE B 268 5.84 25.37 9.64
N ALA B 269 6.26 26.14 10.64
CA ALA B 269 7.41 27.02 10.46
C ALA B 269 8.70 26.23 10.31
N THR B 270 8.88 25.20 11.14
CA THR B 270 10.07 24.36 11.03
C THR B 270 10.18 23.75 9.65
N TYR B 271 9.06 23.27 9.11
CA TYR B 271 9.04 22.72 7.76
C TYR B 271 9.52 23.73 6.74
N LEU B 272 8.94 24.93 6.76
CA LEU B 272 9.27 25.94 5.76
C LEU B 272 10.72 26.39 5.89
N ASN B 273 11.21 26.57 7.11
CA ASN B 273 12.60 26.96 7.30
C ASN B 273 13.54 25.87 6.78
N PHE B 274 13.20 24.61 7.01
CA PHE B 274 14.02 23.51 6.51
C PHE B 274 14.12 23.55 4.99
N CYS B 275 12.99 23.74 4.31
CA CYS B 275 12.99 23.76 2.85
C CYS B 275 13.81 24.92 2.31
N ARG B 276 13.71 26.10 2.93
CA ARG B 276 14.50 27.24 2.48
C ARG B 276 15.97 27.08 2.80
N SER B 277 16.33 26.20 3.74
CA SER B 277 17.73 25.98 4.07
C SER B 277 18.42 25.02 3.10
N LEU B 278 17.66 24.23 2.36
CA LEU B 278 18.25 23.26 1.45
C LEU B 278 19.02 23.96 0.34
N ARG B 279 20.15 23.37 -0.04
CA ARG B 279 20.92 23.86 -1.17
C ARG B 279 20.35 23.29 -2.47
N PHE B 280 20.77 23.90 -3.58
CA PHE B 280 20.20 23.57 -4.89
C PHE B 280 20.20 22.06 -5.14
N ASP B 281 21.33 21.40 -4.84
CA ASP B 281 21.51 19.98 -5.14
C ASP B 281 21.11 19.06 -4.00
N ASP B 282 20.77 19.60 -2.83
CA ASP B 282 20.56 18.77 -1.65
C ASP B 282 19.43 17.76 -1.89
N LYS B 283 19.65 16.54 -1.42
CA LYS B 283 18.56 15.57 -1.37
C LYS B 283 17.77 15.83 -0.09
N PRO B 284 16.49 16.22 -0.17
CA PRO B 284 15.74 16.51 1.05
C PRO B 284 15.59 15.28 1.93
N ASP B 285 15.54 15.52 3.24
CA ASP B 285 15.25 14.45 4.20
C ASP B 285 13.74 14.35 4.33
N TYR B 286 13.13 13.60 3.41
CA TYR B 286 11.68 13.47 3.38
C TYR B 286 11.17 12.83 4.67
N SER B 287 11.91 11.85 5.19
CA SER B 287 11.46 11.16 6.39
C SER B 287 11.38 12.11 7.58
N TYR B 288 12.37 12.98 7.73
CA TYR B 288 12.32 13.97 8.80
C TYR B 288 11.10 14.88 8.66
N LEU B 289 10.80 15.32 7.43
CA LEU B 289 9.68 16.22 7.25
C LEU B 289 8.35 15.54 7.57
N ARG B 290 8.15 14.30 7.12
CA ARG B 290 6.96 13.57 7.51
C ARG B 290 6.91 13.37 9.01
N GLN B 291 8.06 13.08 9.64
CA GLN B 291 8.09 12.81 11.06
C GLN B 291 7.74 14.04 11.89
N LEU B 292 8.07 15.23 11.40
CA LEU B 292 7.63 16.46 12.06
C LEU B 292 6.13 16.44 12.30
N PHE B 293 5.37 16.16 11.24
CA PHE B 293 3.92 16.21 11.32
C PHE B 293 3.33 14.98 11.99
N ARG B 294 3.97 13.81 11.83
CA ARG B 294 3.49 12.62 12.54
C ARG B 294 3.66 12.79 14.05
N ASN B 295 4.78 13.36 14.48
CA ASN B 295 4.96 13.62 15.90
C ASN B 295 3.88 14.56 16.43
N LEU B 296 3.64 15.65 15.72
CA LEU B 296 2.54 16.56 16.09
C LEU B 296 1.21 15.82 16.07
N PHE B 297 0.98 15.01 15.03
CA PHE B 297 -0.24 14.22 14.92
C PHE B 297 -0.50 13.40 16.19
N HIS B 298 0.52 12.68 16.65
CA HIS B 298 0.33 11.78 17.79
C HIS B 298 0.29 12.54 19.11
N ARG B 299 1.01 13.66 19.22
CA ARG B 299 0.86 14.48 20.42
C ARG B 299 -0.56 15.01 20.55
N GLN B 300 -1.24 15.24 19.42
CA GLN B 300 -2.63 15.67 19.42
C GLN B 300 -3.59 14.51 19.66
N GLY B 301 -3.11 13.27 19.58
CA GLY B 301 -3.93 12.09 19.80
C GLY B 301 -4.74 11.62 18.62
N PHE B 302 -4.56 12.23 17.45
CA PHE B 302 -5.29 11.81 16.25
C PHE B 302 -4.87 10.40 15.85
N SER B 303 -5.80 9.68 15.20
CA SER B 303 -5.53 8.36 14.65
C SER B 303 -5.45 8.43 13.13
N TYR B 304 -4.53 7.65 12.55
CA TYR B 304 -4.40 7.55 11.09
C TYR B 304 -5.46 6.60 10.53
N ASP B 305 -6.71 7.04 10.62
CA ASP B 305 -7.83 6.32 10.01
C ASP B 305 -8.25 6.90 8.67
N TYR B 306 -7.56 7.94 8.21
CA TYR B 306 -7.88 8.63 6.97
C TYR B 306 -9.37 8.94 6.87
N VAL B 307 -9.84 9.77 7.81
CA VAL B 307 -11.19 10.31 7.78
C VAL B 307 -10.99 11.81 7.70
N PHE B 308 -11.23 12.37 6.51
CA PHE B 308 -11.03 13.78 6.24
C PHE B 308 -12.26 14.59 6.61
N ASP B 309 -12.07 15.91 6.68
CA ASP B 309 -13.17 16.80 7.06
C ASP B 309 -14.39 16.56 6.18
N TRP B 310 -14.17 16.43 4.86
CA TRP B 310 -15.27 16.27 3.91
C TRP B 310 -15.95 14.91 4.04
N ASN B 311 -15.34 13.96 4.76
CA ASN B 311 -16.01 12.69 5.03
C ASN B 311 -16.93 12.78 6.23
N MET B 312 -17.05 13.96 6.85
CA MET B 312 -17.90 14.13 8.02
C MET B 312 -18.41 15.56 8.14
N LEU B 313 -18.59 16.24 7.01
CA LEU B 313 -19.05 17.63 7.03
C LEU B 313 -20.50 17.71 7.49
S SO4 C . -8.25 -18.10 22.88
O1 SO4 C . -9.71 -18.12 22.88
O2 SO4 C . -7.76 -19.20 22.04
O3 SO4 C . -7.75 -18.27 24.23
O4 SO4 C . -7.79 -16.83 22.33
S SO4 D . 12.93 -21.01 15.39
O1 SO4 D . 12.25 -20.96 16.68
O2 SO4 D . 12.45 -22.16 14.64
O3 SO4 D . 14.37 -21.14 15.60
O4 SO4 D . 12.68 -19.79 14.64
S SO4 E . -7.55 -5.19 -5.42
O1 SO4 E . -8.41 -5.27 -4.25
O2 SO4 E . -8.21 -5.85 -6.55
O3 SO4 E . -6.28 -5.85 -5.15
O4 SO4 E . -7.30 -3.79 -5.74
S SO4 F . 6.82 3.85 5.01
O1 SO4 F . 7.93 2.90 5.01
O2 SO4 F . 5.85 3.48 6.04
O3 SO4 F . 6.18 3.83 3.70
O4 SO4 F . 7.32 5.19 5.28
S SO4 G . -15.35 -4.20 10.25
O1 SO4 G . -14.80 -4.41 8.92
O2 SO4 G . -15.65 -5.50 10.84
O3 SO4 G . -14.39 -3.47 11.08
O4 SO4 G . -16.60 -3.43 10.14
S SO4 H . -16.12 -7.42 4.98
O1 SO4 H . -16.88 -8.65 4.81
O2 SO4 H . -14.77 -7.74 5.45
O3 SO4 H . -16.03 -6.72 3.70
O4 SO4 H . -16.77 -6.56 5.96
S SO4 I . 10.25 -12.14 -15.87
O1 SO4 I . 9.95 -12.71 -17.18
O2 SO4 I . 10.80 -13.17 -15.00
O3 SO4 I . 11.24 -11.06 -16.02
O4 SO4 I . 9.04 -11.60 -15.28
S SO4 J . 3.35 5.31 0.46
O1 SO4 J . 2.04 4.69 0.71
O2 SO4 J . 4.11 4.45 -0.43
O3 SO4 J . 4.07 5.46 1.73
O4 SO4 J . 3.16 6.62 -0.16
S SO4 K . -3.57 4.85 2.14
O1 SO4 K . -4.73 4.17 1.57
O2 SO4 K . -2.90 3.96 3.09
O3 SO4 K . -2.64 5.22 1.07
O4 SO4 K . -4.03 6.06 2.83
S SO4 L . 8.13 -28.78 -7.49
O1 SO4 L . 6.68 -28.95 -7.48
O2 SO4 L . 8.76 -29.83 -6.69
O3 SO4 L . 8.46 -27.48 -6.89
O4 SO4 L . 8.63 -28.82 -8.86
S SO4 M . 12.24 1.48 -4.21
O1 SO4 M . 11.70 0.55 -5.19
O2 SO4 M . 12.84 0.73 -3.10
O3 SO4 M . 13.28 2.30 -4.84
O4 SO4 M . 11.18 2.34 -3.71
S SO4 N . 6.97 -22.41 18.43
O1 SO4 N . 6.54 -23.35 17.40
O2 SO4 N . 6.25 -22.71 19.67
O3 SO4 N . 8.41 -22.57 18.66
O4 SO4 N . 6.68 -21.05 18.01
S SO4 O . -5.93 0.18 20.10
O1 SO4 O . -7.36 0.00 19.87
O2 SO4 O . -5.18 -0.88 19.41
O3 SO4 O . -5.66 0.12 21.53
O4 SO4 O . -5.52 1.47 19.57
C13 C9Z P . 6.45 -33.23 1.47
C15 C9Z P . 0.97 -33.17 0.94
C20 C9Z P . -3.50 -31.69 1.58
C21 C9Z P . -3.35 -31.43 2.92
C22 C9Z P . -2.16 -31.74 3.56
C24 C9Z P . -1.94 -31.47 5.03
C28 C9Z P . -2.86 -31.50 6.09
C01 C9Z P . 7.77 -33.16 0.68
C03 C9Z P . 7.37 -33.93 -0.59
C05 C9Z P . 5.18 -34.06 -1.79
C06 C9Z P . 3.65 -33.97 -1.46
C07 C9Z P . 2.59 -34.20 -2.27
C08 C9Z P . 1.46 -33.97 -1.50
C09 C9Z P . 1.87 -33.60 -0.24
C11 C9Z P . 4.09 -33.23 0.88
C12 C9Z P . 5.54 -32.99 0.50
C18 C9Z P . -1.42 -32.49 1.44
C23 C9Z P . -1.16 -32.26 2.76
C25 C9Z P . -0.77 -31.07 5.60
C29 C9Z P . -4.30 -31.95 6.08
C30 C9Z P . -5.26 -31.29 6.82
C31 C9Z P . -6.53 -31.78 6.82
C32 C9Z P . -6.83 -32.91 6.14
C34 C9Z P . -5.87 -33.59 5.45
C35 C9Z P . -4.60 -33.12 5.43
C36 C9Z P . 0.57 -30.85 4.93
C37 C9Z P . 1.19 -29.56 5.48
C38 C9Z P . 1.46 -32.07 5.18
C39 C9Z P . 2.64 -34.73 -3.69
C40 C9Z P . 1.84 -35.81 -3.91
C41 C9Z P . 1.82 -36.41 -5.15
C42 C9Z P . 2.63 -35.95 -6.17
C44 C9Z P . 2.23 -37.94 -7.33
C45 C9Z P . 3.45 -34.86 -5.94
C46 C9Z P . 3.47 -34.27 -4.68
F33 C9Z P . -8.05 -33.39 6.15
N04 C9Z P . 6.04 -33.96 -0.66
N10 C9Z P . 3.21 -33.58 -0.23
N17 C9Z P . -0.41 -32.97 0.56
N19 C9Z P . -2.54 -32.17 0.87
N27 C9Z P . -2.23 -31.20 7.20
O02 C9Z P . 8.13 -31.87 0.42
O14 C9Z P . 6.51 -32.21 2.47
O16 C9Z P . 1.38 -33.02 1.99
O26 C9Z P . -0.95 -30.93 6.88
O43 C9Z P . 2.60 -36.60 -7.42
H131 C9Z P . 6.31 -34.11 1.85
H201 C9Z P . -4.30 -31.48 1.17
H211 C9Z P . -4.07 -31.08 3.42
H011 C9Z P . 8.47 -33.62 1.15
H031 C9Z P . 7.72 -33.48 -1.38
H032 C9Z P . 7.72 -34.83 -0.55
H052 C9Z P . 5.39 -33.33 -2.38
H051 C9Z P . 5.33 -34.94 -2.18
H081 C9Z P . 0.57 -34.07 -1.78
H112 C9Z P . 4.04 -33.95 1.53
H111 C9Z P . 3.74 -32.42 1.30
H121 C9Z P . 5.64 -32.08 0.20
H231 C9Z P . -0.33 -32.47 3.13
H301 C9Z P . -5.05 -30.51 7.28
H311 C9Z P . -7.20 -31.33 7.29
H341 C9Z P . -6.09 -34.37 4.98
H351 C9Z P . -3.94 -33.57 4.96
H361 C9Z P . 0.44 -30.72 3.97
H373 C9Z P . 1.97 -29.78 6.02
H372 C9Z P . 0.54 -29.10 6.04
H371 C9Z P . 1.46 -28.98 4.76
H381 C9Z P . 1.33 -32.37 6.09
H382 C9Z P . 2.39 -31.84 5.04
H383 C9Z P . 1.21 -32.79 4.57
H401 C9Z P . 1.29 -36.13 -3.24
H411 C9Z P . 1.25 -37.14 -5.28
H441 C9Z P . 2.44 -38.37 -8.17
H442 C9Z P . 1.27 -38.00 -7.18
H443 C9Z P . 2.70 -38.38 -6.61
H451 C9Z P . 4.01 -34.54 -6.60
H461 C9Z P . 4.02 -33.54 -4.52
H171 C9Z P . -0.62 -33.07 -0.27
H021 C9Z P . 8.95 -31.76 0.62
H141 C9Z P . 7.05 -32.45 3.09
S SO4 Q . -3.67 34.96 -6.97
O1 SO4 Q . -4.66 34.01 -7.49
O2 SO4 Q . -3.14 34.48 -5.69
O3 SO4 Q . -2.59 35.11 -7.93
O4 SO4 Q . -4.32 36.25 -6.75
S SO4 R . 12.75 24.99 -18.62
O1 SO4 R . 13.52 23.85 -19.12
O2 SO4 R . 11.33 24.67 -18.63
O3 SO4 R . 13.19 25.31 -17.27
O4 SO4 R . 12.99 26.15 -19.49
S SO4 S . 16.80 7.92 -4.68
O1 SO4 S . 16.73 7.61 -3.26
O2 SO4 S . 16.06 6.90 -5.43
O3 SO4 S . 18.19 7.92 -5.11
O4 SO4 S . 16.20 9.23 -4.92
S SO4 T . 20.87 12.51 -5.22
O1 SO4 T . 19.66 12.02 -4.56
O2 SO4 T . 21.93 11.51 -5.09
O3 SO4 T . 20.58 12.76 -6.62
O4 SO4 T . 21.30 13.75 -4.57
S SO4 U . -0.50 32.65 -12.03
O1 SO4 U . -1.17 31.56 -12.75
O2 SO4 U . -0.96 32.66 -10.64
O3 SO4 U . 0.94 32.45 -12.06
O4 SO4 U . -0.84 33.93 -12.65
S SO4 V . 8.87 8.11 7.15
O1 SO4 V . 9.47 8.39 8.46
O2 SO4 V . 8.40 6.73 7.13
O3 SO4 V . 9.87 8.31 6.11
O4 SO4 V . 7.74 9.01 6.94
C13 C9Z W . -15.49 19.39 -9.90
C15 C9Z W . -12.72 15.09 -11.92
C20 C9Z W . -9.04 12.48 -13.35
C21 C9Z W . -8.35 13.53 -13.88
C22 C9Z W . -8.91 14.80 -13.88
C24 C9Z W . -8.14 15.97 -14.46
C28 C9Z W . -7.19 15.95 -15.50
C01 C9Z W . -16.58 19.82 -8.89
C03 C9Z W . -17.45 18.54 -8.85
C05 C9Z W . -16.88 16.13 -9.22
C06 C9Z W . -15.83 15.27 -9.99
C07 C9Z W . -15.81 13.91 -10.20
C08 C9Z W . -14.68 13.65 -10.96
C09 C9Z W . -14.04 14.87 -11.17
C11 C9Z W . -14.45 17.28 -10.54
C12 C9Z W . -15.27 18.10 -9.55
C18 C9Z W . -10.73 13.80 -12.78
C23 C9Z W . -10.13 14.92 -13.30
C25 C9Z W . -8.16 17.26 -13.99
C29 C9Z W . -6.76 14.85 -16.45
C30 C9Z W . -7.73 14.06 -17.02
C31 C9Z W . -7.38 13.10 -17.92
C32 C9Z W . -6.08 13.00 -18.28
C34 C9Z W . -5.11 13.83 -17.77
C35 C9Z W . -5.47 14.77 -16.86
C36 C9Z W . -9.01 17.82 -12.86
C37 C9Z W . -10.29 18.41 -13.46
C38 C9Z W . -8.20 18.81 -12.02
C39 C9Z W . -16.90 12.95 -9.76
C40 C9Z W . -17.47 12.93 -8.51
C41 C9Z W . -18.47 12.05 -8.21
C42 C9Z W . -18.96 11.19 -9.18
C44 C9Z W . -20.54 9.60 -9.99
C45 C9Z W . -18.40 11.25 -10.44
C46 C9Z W . -17.38 12.13 -10.71
F33 C9Z W . -5.73 12.12 -19.15
N04 C9Z W . -16.75 17.55 -9.39
N10 C9Z W . -14.73 15.84 -10.57
N17 C9Z W . -12.00 13.85 -12.14
N19 C9Z W . -10.20 12.62 -12.80
N27 C9Z W . -6.75 17.20 -15.66
O02 C9Z W . -16.04 20.08 -7.71
O14 C9Z W . -14.36 20.28 -9.73
O16 C9Z W . -12.41 16.12 -12.32
O26 C9Z W . -7.35 17.96 -14.72
O43 C9Z W . -20.01 10.30 -8.90
H131 C9Z W . -15.84 19.44 -10.81
H201 C9Z W . -8.66 11.63 -13.37
H211 C9Z W . -7.52 13.39 -14.28
H011 C9Z W . -17.08 20.58 -9.23
H031 C9Z W . -17.67 18.32 -7.93
H032 C9Z W . -18.27 18.68 -9.35
H052 C9Z W . -16.76 15.94 -8.29
H051 C9Z W . -17.74 15.88 -9.57
H081 C9Z W . -14.40 12.82 -11.26
H112 C9Z W . -14.60 17.64 -11.44
H111 C9Z W . -13.50 17.40 -10.34
H121 C9Z W . -14.83 18.09 -8.69
H231 C9Z W . -10.55 15.75 -13.24
H301 C9Z W . -8.62 14.14 -16.75
H311 C9Z W . -8.02 12.54 -18.28
H341 C9Z W . -4.22 13.73 -18.03
H351 C9Z W . -4.82 15.33 -16.49
H361 C9Z W . -9.25 17.09 -12.27
H373 C9Z W . -11.05 18.05 -12.99
H372 C9Z W . -10.34 18.18 -14.40
H371 C9Z W . -10.27 19.38 -13.36
H381 C9Z W . -8.62 18.94 -11.16
H382 C9Z W . -7.29 18.48 -11.89
H383 C9Z W . -8.17 19.67 -12.48
H401 C9Z W . -17.15 13.51 -7.84
H411 C9Z W . -18.85 12.04 -7.35
H441 C9Z W . -20.82 10.22 -10.67
H442 C9Z W . -19.86 9.00 -10.35
H443 C9Z W . -21.30 9.08 -9.69
H451 C9Z W . -18.70 10.68 -11.12
H461 C9Z W . -17.02 12.16 -11.57
H171 C9Z W . -12.32 13.13 -11.81
H021 C9Z W . -16.66 20.19 -7.13
H141 C9Z W . -13.91 20.30 -10.45
#